data_6VO5
#
_entry.id   6VO5
#
_cell.length_a   116.726
_cell.length_b   155.636
_cell.length_c   53.475
_cell.angle_alpha   90.000
_cell.angle_beta   90.000
_cell.angle_gamma   90.000
#
_symmetry.space_group_name_H-M   'P 21 21 2'
#
loop_
_entity.id
_entity.type
_entity.pdbx_description
1 polymer 'Histone acetyltransferase type B catalytic subunit'
2 polymer 'Histone H4'
3 non-polymer 'ACETATE ION'
4 non-polymer 'ISOBUTYRYL-COENZYME A'
5 non-polymer GLYCEROL
6 non-polymer 'SULFATE ION'
7 non-polymer 'UNKNOWN ATOM OR ION'
8 water water
#
loop_
_entity_poly.entity_id
_entity_poly.type
_entity_poly.pdbx_seq_one_letter_code
_entity_poly.pdbx_strand_id
1 'polypeptide(L)'
;GSKKLAEYK(YCM)NTNTAIELKLVRFPEDLENDIRTFFPEYTHQLFGDDETAFGYKGLKILLYYIAGSLSTMFRVEYAS
KVDENFD(YCM)VEADDVEGKIRQIIPPGFCTNTNDFLSLLEKEVDFKPFGTLLHTYSVLSPTGGENFTFQIYKADMT
(YCM)RGFREYHERLQTFLMWFIETASFIDVDDERWHYFLVFEKYNKDGATLFATVGYMTVYNYYVYPDKTRPRVSQMLI
LTPFQGQGHGAQLLETVHRYYTEFPTVLDITAEDPSKSYVKLRDFVLVKLCQDLPCFSREKLMQGFNEDMAIEAQQKFKI
NKQHARRVYEILRLLVTD
;
A,B
2 'polypeptide(L)' SGRGKGGKGLGAGGAKRHRK C,D
#
loop_
_chem_comp.id
_chem_comp.type
_chem_comp.name
_chem_comp.formula
ACT non-polymer 'ACETATE ION' 'C2 H3 O2 -1'
CO6 non-polymer 'ISOBUTYRYL-COENZYME A' 'C25 H42 N7 O17 P3 S'
GOL non-polymer GLYCEROL 'C3 H8 O3'
SO4 non-polymer 'SULFATE ION' 'O4 S -2'
UNX non-polymer 'UNKNOWN ATOM OR ION' ?
#
# COMPACT_ATOMS: atom_id res chain seq x y z
N LYS A 3 -25.17 40.38 -12.08
CA LYS A 3 -24.28 39.33 -11.48
C LYS A 3 -25.08 38.05 -11.25
N LYS A 4 -24.51 36.89 -11.63
CA LYS A 4 -25.03 35.55 -11.28
C LYS A 4 -24.54 35.22 -9.86
N LEU A 5 -25.42 35.32 -8.86
CA LEU A 5 -25.06 35.24 -7.41
C LEU A 5 -24.52 33.85 -7.06
N ALA A 6 -25.04 32.79 -7.69
CA ALA A 6 -24.56 31.39 -7.55
C ALA A 6 -23.02 31.36 -7.68
N GLU A 7 -22.45 32.27 -8.49
CA GLU A 7 -20.98 32.40 -8.70
C GLU A 7 -20.31 33.15 -7.53
N TYR A 8 -21.08 33.65 -6.55
CA TYR A 8 -20.58 34.39 -5.35
C TYR A 8 -20.77 33.56 -4.05
N LYS A 9 -21.01 32.25 -4.20
CA LYS A 9 -20.95 31.24 -3.11
C LYS A 9 -19.80 30.30 -3.45
N YCM A 10 -18.92 30.02 -2.48
N YCM A 10 -18.85 30.08 -2.52
CA YCM A 10 -17.68 29.31 -2.76
CA YCM A 10 -17.66 29.30 -2.83
CB YCM A 10 -16.53 30.28 -2.77
CB YCM A 10 -16.43 30.21 -2.95
SG YCM A 10 -15.05 29.67 -3.61
SG YCM A 10 -16.65 31.70 -3.94
CD YCM A 10 -15.58 31.40 -5.36
CE YCM A 10 -16.30 30.66 -6.43
OZ1 YCM A 10 -15.93 29.53 -6.76
NZ2 YCM A 10 -17.34 31.27 -6.95
C YCM A 10 -17.44 28.21 -1.72
C YCM A 10 -17.41 28.24 -1.76
O YCM A 10 -17.56 28.45 -0.53
O YCM A 10 -17.52 28.51 -0.57
N ASN A 11 -17.06 27.02 -2.21
CA ASN A 11 -16.67 25.91 -1.36
C ASN A 11 -15.32 26.23 -0.71
N THR A 12 -15.29 26.31 0.61
CA THR A 12 -14.06 26.74 1.34
C THR A 12 -13.04 25.60 1.38
N ASN A 13 -13.47 24.35 1.19
CA ASN A 13 -12.53 23.19 1.13
C ASN A 13 -11.61 23.30 -0.10
N THR A 14 -12.04 23.96 -1.18
CA THR A 14 -11.22 24.13 -2.40
C THR A 14 -10.67 25.56 -2.47
N ALA A 15 -11.28 26.54 -1.79
CA ALA A 15 -10.85 27.95 -1.82
C ALA A 15 -9.58 28.12 -0.97
N ILE A 16 -9.43 27.31 0.07
CA ILE A 16 -8.27 27.44 1.00
C ILE A 16 -7.10 26.65 0.40
N GLU A 17 -6.04 27.37 0.06
CA GLU A 17 -4.83 26.81 -0.60
C GLU A 17 -3.70 26.82 0.43
N LEU A 18 -3.20 25.64 0.82
CA LEU A 18 -2.11 25.46 1.79
C LEU A 18 -0.84 25.10 1.02
N LYS A 19 0.29 25.66 1.42
CA LYS A 19 1.61 25.24 0.87
C LYS A 19 2.61 25.17 2.02
N LEU A 20 3.53 24.22 1.91
CA LEU A 20 4.77 24.15 2.71
C LEU A 20 5.95 24.48 1.78
N VAL A 21 6.65 25.56 2.05
CA VAL A 21 7.61 26.15 1.09
C VAL A 21 9.03 25.93 1.58
N ARG A 22 9.85 25.25 0.79
CA ARG A 22 11.31 25.13 1.03
C ARG A 22 12.10 26.01 0.07
N PHE A 23 11.62 26.15 -1.16
CA PHE A 23 12.32 26.91 -2.23
C PHE A 23 11.36 27.92 -2.81
N PRO A 24 11.86 29.06 -3.32
CA PRO A 24 10.96 30.08 -3.89
C PRO A 24 10.04 29.54 -4.99
N GLU A 25 10.52 28.60 -5.80
CA GLU A 25 9.73 28.03 -6.92
C GLU A 25 8.49 27.28 -6.39
N ASP A 26 8.45 26.87 -5.11
CA ASP A 26 7.29 26.17 -4.52
C ASP A 26 6.04 27.08 -4.60
N LEU A 27 6.21 28.41 -4.59
CA LEU A 27 5.08 29.38 -4.63
C LEU A 27 4.32 29.26 -5.96
N GLU A 28 4.98 28.82 -7.04
CA GLU A 28 4.38 28.79 -8.40
C GLU A 28 4.10 27.35 -8.83
N ASN A 29 4.46 26.36 -8.01
CA ASN A 29 4.27 24.91 -8.30
C ASN A 29 2.95 24.44 -7.66
N ASP A 30 1.93 24.17 -8.47
CA ASP A 30 0.58 23.75 -7.99
C ASP A 30 0.65 22.37 -7.31
N ILE A 31 1.67 21.56 -7.62
CA ILE A 31 1.89 20.24 -6.97
C ILE A 31 2.07 20.45 -5.45
N ARG A 32 2.66 21.57 -5.05
CA ARG A 32 2.94 21.85 -3.61
C ARG A 32 1.66 22.31 -2.89
N THR A 33 0.60 22.66 -3.62
CA THR A 33 -0.67 23.12 -3.00
C THR A 33 -1.48 21.91 -2.51
N PHE A 34 -1.94 21.95 -1.26
CA PHE A 34 -2.90 20.95 -0.73
C PHE A 34 -4.04 21.72 -0.04
N PHE A 35 -5.11 20.99 0.25
CA PHE A 35 -6.43 21.56 0.58
C PHE A 35 -6.99 20.92 1.84
N PRO A 36 -7.80 21.67 2.62
CA PRO A 36 -8.46 21.10 3.78
C PRO A 36 -9.41 19.96 3.45
N GLU A 37 -9.55 19.03 4.38
CA GLU A 37 -10.63 18.01 4.35
C GLU A 37 -11.85 18.53 5.11
N TYR A 38 -11.66 19.47 6.04
CA TYR A 38 -12.74 20.01 6.91
C TYR A 38 -12.62 21.52 6.96
N THR A 39 -13.72 22.26 6.74
CA THR A 39 -13.77 23.70 7.03
C THR A 39 -15.05 24.08 7.79
N HIS A 40 -15.79 23.08 8.27
CA HIS A 40 -17.13 23.26 8.89
C HIS A 40 -17.06 24.02 10.22
N GLN A 41 -15.93 23.98 10.94
CA GLN A 41 -15.83 24.70 12.24
C GLN A 41 -15.72 26.21 12.02
N LEU A 42 -15.38 26.69 10.80
CA LEU A 42 -15.39 28.13 10.49
C LEU A 42 -16.52 28.51 9.53
N PHE A 43 -16.81 27.67 8.55
CA PHE A 43 -17.69 28.04 7.41
C PHE A 43 -18.96 27.19 7.39
N GLY A 44 -19.30 26.56 8.51
CA GLY A 44 -20.59 25.87 8.70
C GLY A 44 -20.63 24.51 8.04
N ASP A 45 -21.72 23.78 8.24
CA ASP A 45 -21.89 22.40 7.73
C ASP A 45 -21.79 22.39 6.21
N ASP A 46 -22.22 23.48 5.55
CA ASP A 46 -22.19 23.57 4.07
C ASP A 46 -20.78 23.88 3.57
N GLU A 47 -19.86 24.33 4.44
CA GLU A 47 -18.46 24.64 4.06
C GLU A 47 -18.46 25.60 2.87
N THR A 48 -19.15 26.72 3.02
N THR A 48 -19.14 26.73 3.01
CA THR A 48 -19.25 27.79 1.98
CA THR A 48 -19.19 27.77 1.95
C THR A 48 -18.94 29.15 2.61
C THR A 48 -18.98 29.14 2.58
N ALA A 49 -18.40 30.04 1.79
CA ALA A 49 -18.28 31.47 2.07
C ALA A 49 -19.10 32.20 1.01
N PHE A 50 -19.82 33.23 1.42
CA PHE A 50 -20.67 34.06 0.52
C PHE A 50 -20.03 35.44 0.30
N GLY A 51 -20.12 35.95 -0.93
CA GLY A 51 -19.90 37.38 -1.25
C GLY A 51 -18.77 37.61 -2.24
N TYR A 52 -18.04 36.56 -2.64
CA TYR A 52 -16.83 36.66 -3.49
C TYR A 52 -16.96 35.73 -4.71
N LYS A 53 -16.48 36.19 -5.86
CA LYS A 53 -16.25 35.33 -7.05
C LYS A 53 -14.73 35.14 -7.20
N GLY A 54 -14.28 33.92 -7.53
CA GLY A 54 -12.85 33.57 -7.65
C GLY A 54 -12.12 33.71 -6.32
N LEU A 55 -12.78 33.37 -5.22
CA LEU A 55 -12.20 33.45 -3.84
C LEU A 55 -11.00 32.50 -3.74
N LYS A 56 -9.86 33.03 -3.30
CA LYS A 56 -8.65 32.23 -2.96
C LYS A 56 -8.21 32.67 -1.57
N ILE A 57 -8.12 31.73 -0.63
CA ILE A 57 -7.64 31.97 0.76
C ILE A 57 -6.27 31.29 0.86
N LEU A 58 -5.21 32.08 0.76
CA LEU A 58 -3.81 31.59 0.70
C LEU A 58 -3.27 31.53 2.13
N LEU A 59 -2.91 30.33 2.56
CA LEU A 59 -2.17 30.12 3.82
C LEU A 59 -0.90 29.33 3.44
N TYR A 60 0.18 30.07 3.24
CA TYR A 60 1.51 29.53 2.85
C TYR A 60 2.42 29.56 4.07
N TYR A 61 3.16 28.46 4.25
CA TYR A 61 3.99 28.25 5.45
C TYR A 61 5.42 27.95 5.03
N ILE A 62 6.37 28.61 5.65
CA ILE A 62 7.80 28.19 5.48
CA ILE A 62 7.80 28.19 5.48
C ILE A 62 7.92 26.77 6.06
N ALA A 63 8.59 25.88 5.36
CA ALA A 63 8.51 24.41 5.58
C ALA A 63 8.83 24.01 7.02
N GLY A 64 9.83 24.62 7.67
CA GLY A 64 10.25 24.25 9.04
C GLY A 64 9.52 25.06 10.10
N SER A 65 9.85 26.34 10.18
CA SER A 65 9.37 27.31 11.19
C SER A 65 7.85 27.52 11.08
N LEU A 66 7.27 27.24 9.92
CA LEU A 66 5.83 27.52 9.61
C LEU A 66 5.53 29.03 9.70
N SER A 67 6.52 29.89 9.54
CA SER A 67 6.30 31.34 9.34
C SER A 67 5.27 31.50 8.20
N THR A 68 4.25 32.32 8.43
CA THR A 68 2.99 32.23 7.67
C THR A 68 2.80 33.46 6.77
N MET A 69 2.37 33.23 5.54
CA MET A 69 1.71 34.27 4.70
C MET A 69 0.20 33.98 4.64
N PHE A 70 -0.62 34.98 4.93
CA PHE A 70 -2.10 34.88 4.83
C PHE A 70 -2.60 36.03 3.94
N ARG A 71 -3.21 35.64 2.83
CA ARG A 71 -3.84 36.58 1.85
C ARG A 71 -5.21 36.07 1.45
N VAL A 72 -6.18 36.98 1.34
CA VAL A 72 -7.50 36.69 0.71
C VAL A 72 -7.53 37.43 -0.64
N GLU A 73 -7.69 36.68 -1.72
CA GLU A 73 -7.79 37.22 -3.09
C GLU A 73 -9.17 36.87 -3.65
N TYR A 74 -9.63 37.67 -4.60
CA TYR A 74 -10.91 37.42 -5.32
C TYR A 74 -10.92 38.23 -6.61
N ALA A 75 -11.71 37.77 -7.57
CA ALA A 75 -11.93 38.42 -8.89
C ALA A 75 -12.90 39.58 -8.69
N SER A 76 -13.98 39.37 -7.92
CA SER A 76 -14.95 40.43 -7.55
C SER A 76 -15.65 40.07 -6.25
N LYS A 77 -16.31 41.05 -5.63
CA LYS A 77 -17.16 40.82 -4.44
C LYS A 77 -18.46 41.60 -4.60
N VAL A 78 -19.47 41.21 -3.82
CA VAL A 78 -20.79 41.90 -3.75
C VAL A 78 -20.57 43.31 -3.20
N ASP A 79 -21.39 44.25 -3.67
CA ASP A 79 -21.41 45.67 -3.24
C ASP A 79 -22.73 45.87 -2.53
N GLU A 80 -22.70 46.36 -1.28
CA GLU A 80 -23.94 46.51 -0.47
C GLU A 80 -24.85 47.55 -1.13
N ASN A 81 -24.31 48.50 -1.89
CA ASN A 81 -25.12 49.58 -2.54
C ASN A 81 -25.99 49.02 -3.67
N PHE A 82 -25.53 47.98 -4.39
CA PHE A 82 -26.20 47.46 -5.61
C PHE A 82 -26.69 46.03 -5.43
N ASP A 83 -26.07 45.24 -4.54
CA ASP A 83 -26.48 43.84 -4.27
C ASP A 83 -27.26 43.77 -2.97
N YCM A 84 -27.12 44.81 -2.12
CA YCM A 84 -27.90 44.99 -0.90
CB YCM A 84 -29.39 44.99 -1.19
SG YCM A 84 -29.82 46.09 -2.55
CD YCM A 84 -29.43 47.76 -1.94
CE YCM A 84 -30.43 48.29 -0.93
OZ1 YCM A 84 -31.46 47.65 -0.64
NZ2 YCM A 84 -30.10 49.43 -0.38
C YCM A 84 -27.58 43.94 0.15
O YCM A 84 -28.38 43.70 1.07
N VAL A 85 -26.38 43.36 0.05
CA VAL A 85 -25.88 42.46 1.07
C VAL A 85 -24.36 42.64 1.16
N GLU A 86 -23.79 42.31 2.32
CA GLU A 86 -22.33 42.42 2.60
C GLU A 86 -21.69 41.03 2.47
N ALA A 87 -20.46 40.99 1.96
CA ALA A 87 -19.64 39.76 1.82
C ALA A 87 -19.28 39.22 3.21
N ASP A 88 -19.17 37.90 3.34
CA ASP A 88 -18.70 37.23 4.58
C ASP A 88 -17.33 37.78 4.99
N ASP A 89 -17.08 37.88 6.29
CA ASP A 89 -15.79 38.33 6.86
C ASP A 89 -14.82 37.13 6.89
N VAL A 90 -14.38 36.69 5.72
CA VAL A 90 -13.47 35.52 5.55
C VAL A 90 -12.15 35.83 6.29
N GLU A 91 -11.62 37.05 6.13
CA GLU A 91 -10.35 37.46 6.79
C GLU A 91 -10.47 37.29 8.31
N GLY A 92 -11.54 37.81 8.91
CA GLY A 92 -11.76 37.73 10.36
C GLY A 92 -11.91 36.29 10.84
N LYS A 93 -12.60 35.44 10.08
CA LYS A 93 -12.80 34.01 10.47
C LYS A 93 -11.42 33.33 10.54
N ILE A 94 -10.58 33.51 9.53
CA ILE A 94 -9.23 32.89 9.50
C ILE A 94 -8.37 33.44 10.66
N ARG A 95 -8.43 34.75 10.92
N ARG A 95 -8.43 34.74 10.95
CA ARG A 95 -7.66 35.42 12.01
CA ARG A 95 -7.59 35.35 12.01
C ARG A 95 -7.99 34.75 13.36
C ARG A 95 -8.03 34.84 13.40
N GLN A 96 -9.17 34.15 13.50
CA GLN A 96 -9.61 33.50 14.77
C GLN A 96 -8.72 32.29 15.07
N ILE A 97 -8.08 31.68 14.07
CA ILE A 97 -7.41 30.36 14.28
C ILE A 97 -5.94 30.40 13.87
N ILE A 98 -5.41 31.55 13.42
CA ILE A 98 -3.94 31.71 13.20
C ILE A 98 -3.46 32.82 14.12
N PRO A 99 -2.21 32.74 14.61
CA PRO A 99 -1.68 33.79 15.47
C PRO A 99 -1.44 35.07 14.68
N PRO A 100 -1.39 36.23 15.37
CA PRO A 100 -1.01 37.47 14.69
C PRO A 100 0.45 37.45 14.20
N GLY A 101 0.79 38.36 13.30
CA GLY A 101 2.20 38.57 12.88
C GLY A 101 2.52 37.88 11.56
N PHE A 102 1.53 37.32 10.88
CA PHE A 102 1.70 36.70 9.55
C PHE A 102 2.09 37.80 8.55
N CYS A 103 2.83 37.47 7.50
N CYS A 103 2.83 37.40 7.51
CA CYS A 103 3.06 38.43 6.41
CA CYS A 103 3.10 38.18 6.27
C CYS A 103 1.90 38.32 5.42
C CYS A 103 1.82 38.32 5.45
N THR A 104 1.72 39.34 4.59
CA THR A 104 0.51 39.52 3.73
C THR A 104 0.88 39.57 2.25
N ASN A 105 2.13 39.30 1.87
CA ASN A 105 2.53 39.32 0.44
C ASN A 105 3.72 38.39 0.25
N THR A 106 3.95 37.94 -0.99
CA THR A 106 4.98 36.90 -1.29
C THR A 106 6.38 37.51 -1.16
N ASN A 107 6.58 38.81 -1.38
CA ASN A 107 7.92 39.44 -1.20
C ASN A 107 8.40 39.31 0.25
N ASP A 108 7.54 39.65 1.22
CA ASP A 108 7.89 39.58 2.67
C ASP A 108 8.06 38.11 3.07
N PHE A 109 7.27 37.22 2.48
CA PHE A 109 7.33 35.76 2.75
C PHE A 109 8.69 35.22 2.28
N LEU A 110 9.08 35.58 1.05
CA LEU A 110 10.38 35.12 0.48
C LEU A 110 11.56 35.70 1.26
N SER A 111 11.45 36.92 1.79
CA SER A 111 12.48 37.53 2.66
C SER A 111 12.68 36.66 3.92
N LEU A 112 11.61 36.17 4.54
CA LEU A 112 11.71 35.24 5.70
C LEU A 112 12.33 33.90 5.27
N LEU A 113 12.00 33.41 4.07
CA LEU A 113 12.53 32.11 3.59
C LEU A 113 14.07 32.19 3.52
N GLU A 114 14.63 33.37 3.23
CA GLU A 114 16.10 33.51 3.10
C GLU A 114 16.81 33.07 4.38
N LYS A 115 16.21 33.21 5.56
CA LYS A 115 16.92 32.92 6.83
C LYS A 115 16.38 31.66 7.49
N GLU A 116 15.66 30.83 6.74
CA GLU A 116 14.99 29.61 7.29
C GLU A 116 16.04 28.60 7.76
N VAL A 117 17.28 28.68 7.25
CA VAL A 117 18.38 27.80 7.75
C VAL A 117 18.54 27.94 9.27
N ASP A 118 18.15 29.06 9.86
CA ASP A 118 18.32 29.26 11.32
C ASP A 118 17.31 28.40 12.12
N PHE A 119 16.26 27.93 11.48
CA PHE A 119 15.22 27.09 12.15
C PHE A 119 15.86 25.76 12.57
N LYS A 120 15.67 25.39 13.84
CA LYS A 120 16.14 24.10 14.39
C LYS A 120 14.97 23.39 15.03
N PRO A 121 15.00 22.04 15.05
CA PRO A 121 13.95 21.28 15.72
C PRO A 121 13.96 21.59 17.22
N PHE A 122 12.80 21.47 17.83
CA PHE A 122 12.63 21.67 19.30
C PHE A 122 12.78 20.33 20.04
N GLY A 123 13.39 20.40 21.22
CA GLY A 123 13.35 19.31 22.20
C GLY A 123 14.41 18.26 22.00
N THR A 124 14.11 17.06 22.45
CA THR A 124 15.06 15.93 22.57
C THR A 124 14.85 14.97 21.41
N LEU A 125 15.91 14.66 20.68
CA LEU A 125 15.88 13.67 19.59
C LEU A 125 15.58 12.28 20.15
N LEU A 126 14.55 11.62 19.63
CA LEU A 126 14.17 10.25 20.04
C LEU A 126 14.59 9.23 19.01
N HIS A 127 14.49 9.56 17.72
CA HIS A 127 14.62 8.54 16.66
C HIS A 127 14.99 9.21 15.35
N THR A 128 15.89 8.58 14.61
CA THR A 128 16.25 8.99 13.24
C THR A 128 16.00 7.78 12.34
N TYR A 129 15.43 8.00 11.16
CA TYR A 129 15.23 6.93 10.16
C TYR A 129 15.36 7.52 8.75
N SER A 130 15.67 6.64 7.81
CA SER A 130 15.89 7.02 6.41
C SER A 130 15.03 6.14 5.52
N VAL A 131 14.54 6.72 4.44
CA VAL A 131 13.90 5.95 3.36
C VAL A 131 14.94 5.93 2.23
N LEU A 132 15.67 4.82 2.11
CA LEU A 132 16.81 4.63 1.16
C LEU A 132 16.24 4.21 -0.20
N SER A 133 16.77 4.75 -1.29
CA SER A 133 16.33 4.34 -2.64
C SER A 133 16.75 2.90 -2.87
N PRO A 134 15.85 2.06 -3.44
CA PRO A 134 16.25 0.74 -3.94
C PRO A 134 16.88 0.79 -5.35
N THR A 135 16.83 1.96 -6.00
CA THR A 135 17.04 2.15 -7.47
C THR A 135 18.25 3.07 -7.75
N GLY A 136 19.07 3.41 -6.75
CA GLY A 136 20.20 4.36 -6.91
C GLY A 136 19.75 5.81 -6.99
N GLY A 137 18.55 6.12 -6.49
CA GLY A 137 17.99 7.48 -6.50
C GLY A 137 18.15 8.16 -5.15
N GLU A 138 17.31 9.17 -4.90
CA GLU A 138 17.39 10.00 -3.67
C GLU A 138 17.01 9.19 -2.43
N ASN A 139 17.74 9.44 -1.35
CA ASN A 139 17.42 8.94 0.02
C ASN A 139 16.79 10.10 0.79
N PHE A 140 15.89 9.80 1.72
CA PHE A 140 15.25 10.84 2.56
C PHE A 140 15.46 10.50 4.03
N THR A 141 15.68 11.51 4.85
CA THR A 141 16.07 11.33 6.27
C THR A 141 15.15 12.15 7.19
N PHE A 142 14.65 11.50 8.24
CA PHE A 142 13.59 12.01 9.14
C PHE A 142 14.04 11.85 10.59
N GLN A 143 13.53 12.73 11.45
CA GLN A 143 13.84 12.68 12.88
C GLN A 143 12.57 12.97 13.66
N ILE A 144 12.48 12.35 14.83
CA ILE A 144 11.35 12.53 15.77
C ILE A 144 11.90 13.07 17.09
N TYR A 145 11.29 14.15 17.57
CA TYR A 145 11.67 14.88 18.80
C TYR A 145 10.50 14.89 19.77
N LYS A 146 10.83 14.92 21.04
CA LYS A 146 9.85 15.26 22.10
C LYS A 146 10.15 16.67 22.55
N ALA A 147 9.17 17.54 22.43
CA ALA A 147 9.32 18.99 22.69
C ALA A 147 8.39 19.41 23.83
N ASP A 148 8.69 20.54 24.47
CA ASP A 148 7.77 21.12 25.48
C ASP A 148 7.93 22.66 25.47
N MET A 149 7.09 23.33 26.25
CA MET A 149 7.01 24.81 26.29
C MET A 149 8.27 25.45 26.91
N THR A 150 9.23 24.68 27.45
CA THR A 150 10.58 25.18 27.88
C THR A 150 11.53 25.36 26.71
N YCM A 151 11.20 24.78 25.55
CA YCM A 151 12.03 24.97 24.38
CB YCM A 151 11.77 23.88 23.36
SG YCM A 151 11.98 22.21 23.99
CD YCM A 151 13.75 22.16 24.43
CE YCM A 151 14.75 22.78 23.42
OZ1 YCM A 151 14.64 22.69 22.20
NZ2 YCM A 151 15.76 23.39 23.99
C YCM A 151 11.75 26.33 23.77
O YCM A 151 10.60 26.63 23.44
N ARG A 152 12.82 27.11 23.59
N ARG A 152 12.80 27.11 23.57
CA ARG A 152 12.76 28.45 22.99
CA ARG A 152 12.63 28.47 23.11
C ARG A 152 12.01 28.38 21.66
C ARG A 152 12.07 28.47 21.69
N GLY A 153 10.98 29.23 21.48
CA GLY A 153 10.24 29.35 20.22
C GLY A 153 9.12 28.31 20.06
N PHE A 154 9.02 27.31 20.93
CA PHE A 154 8.05 26.20 20.70
C PHE A 154 6.61 26.68 20.83
N ARG A 155 6.31 27.50 21.83
CA ARG A 155 4.92 27.97 22.08
C ARG A 155 4.40 28.66 20.81
N GLU A 156 5.20 29.55 20.23
CA GLU A 156 4.76 30.32 19.05
C GLU A 156 4.65 29.38 17.83
N TYR A 157 5.59 28.47 17.66
CA TYR A 157 5.56 27.46 16.57
C TYR A 157 4.29 26.61 16.69
N HIS A 158 3.96 26.17 17.90
CA HIS A 158 2.78 25.29 18.12
C HIS A 158 1.53 26.08 17.73
N GLU A 159 1.48 27.39 17.99
CA GLU A 159 0.30 28.19 17.58
C GLU A 159 0.18 28.21 16.05
N ARG A 160 1.29 28.30 15.33
CA ARG A 160 1.27 28.25 13.84
C ARG A 160 0.86 26.86 13.36
N LEU A 161 1.35 25.80 14.00
CA LEU A 161 1.10 24.40 13.59
C LEU A 161 -0.35 23.98 13.86
N GLN A 162 -0.92 24.35 15.01
CA GLN A 162 -2.19 23.76 15.46
C GLN A 162 -3.33 24.12 14.50
N THR A 163 -3.22 25.23 13.76
CA THR A 163 -4.24 25.58 12.75
C THR A 163 -4.51 24.39 11.84
N PHE A 164 -3.48 23.62 11.48
CA PHE A 164 -3.63 22.52 10.51
C PHE A 164 -4.62 21.48 11.04
N LEU A 165 -4.72 21.30 12.36
CA LEU A 165 -5.69 20.32 12.91
C LEU A 165 -7.11 20.70 12.49
N MET A 166 -7.42 22.00 12.42
CA MET A 166 -8.80 22.43 12.07
C MET A 166 -9.15 21.91 10.67
N TRP A 167 -8.17 21.82 9.77
CA TRP A 167 -8.41 21.41 8.38
C TRP A 167 -8.48 19.89 8.22
N PHE A 168 -7.91 19.11 9.14
CA PHE A 168 -7.65 17.67 8.89
C PHE A 168 -8.22 16.75 9.97
N ILE A 169 -8.66 17.27 11.11
CA ILE A 169 -9.31 16.43 12.17
C ILE A 169 -10.73 16.99 12.38
N GLU A 170 -11.75 16.15 12.17
CA GLU A 170 -13.16 16.61 12.11
C GLU A 170 -13.48 17.44 13.36
N THR A 171 -13.14 16.95 14.55
CA THR A 171 -13.54 17.57 15.84
C THR A 171 -12.35 18.22 16.54
N ALA A 172 -11.32 18.64 15.81
CA ALA A 172 -10.15 19.29 16.43
C ALA A 172 -10.61 20.44 17.35
N SER A 173 -9.94 20.59 18.49
CA SER A 173 -10.04 21.80 19.32
C SER A 173 -8.64 22.12 19.83
N PHE A 174 -8.37 23.39 20.10
CA PHE A 174 -7.01 23.82 20.53
C PHE A 174 -6.81 23.49 22.01
N ILE A 175 -5.66 22.94 22.32
CA ILE A 175 -5.35 22.45 23.70
C ILE A 175 -4.94 23.64 24.57
N ASP A 176 -5.05 23.42 25.87
CA ASP A 176 -4.57 24.38 26.90
C ASP A 176 -3.09 24.12 27.15
N VAL A 177 -2.20 24.89 26.52
CA VAL A 177 -0.74 24.62 26.66
C VAL A 177 -0.21 25.02 28.05
N ASP A 178 -1.00 25.68 28.89
CA ASP A 178 -0.60 25.94 30.30
C ASP A 178 -0.62 24.64 31.13
N ASP A 179 -1.30 23.61 30.64
CA ASP A 179 -1.43 22.32 31.36
C ASP A 179 -0.17 21.49 31.13
N GLU A 180 0.55 21.23 32.20
CA GLU A 180 1.87 20.56 32.16
C GLU A 180 1.76 19.07 31.79
N ARG A 181 0.57 18.50 31.72
CA ARG A 181 0.41 17.07 31.37
C ARG A 181 0.44 16.89 29.85
N TRP A 182 0.41 17.96 29.06
CA TRP A 182 0.54 17.79 27.59
C TRP A 182 1.97 17.43 27.22
N HIS A 183 2.12 16.40 26.37
CA HIS A 183 3.38 16.00 25.73
C HIS A 183 3.24 16.21 24.22
N TYR A 184 4.36 16.54 23.58
CA TYR A 184 4.40 16.91 22.15
C TYR A 184 5.50 16.11 21.48
N PHE A 185 5.17 15.42 20.40
CA PHE A 185 6.11 14.62 19.58
C PHE A 185 6.06 15.18 18.17
N LEU A 186 7.23 15.55 17.64
CA LEU A 186 7.38 16.26 16.36
C LEU A 186 8.15 15.38 15.38
N VAL A 187 7.74 15.44 14.12
CA VAL A 187 8.48 14.78 13.00
C VAL A 187 9.01 15.85 12.06
N PHE A 188 10.32 15.77 11.77
CA PHE A 188 10.98 16.65 10.79
C PHE A 188 11.62 15.83 9.70
N GLU A 189 11.71 16.42 8.52
CA GLU A 189 12.55 15.88 7.43
C GLU A 189 13.75 16.80 7.28
N LYS A 190 14.94 16.23 7.23
CA LYS A 190 16.18 16.99 6.90
C LYS A 190 16.23 17.19 5.40
N TYR A 191 16.67 18.36 4.96
CA TYR A 191 16.88 18.60 3.52
C TYR A 191 18.02 19.58 3.35
N ASN A 192 18.63 19.55 2.17
CA ASN A 192 19.75 20.47 1.86
C ASN A 192 19.26 21.61 0.97
N LYS A 193 19.79 22.80 1.24
CA LYS A 193 19.55 24.01 0.42
C LYS A 193 20.80 24.87 0.56
N ASP A 194 21.36 25.27 -0.58
CA ASP A 194 22.53 26.19 -0.68
C ASP A 194 23.68 25.71 0.21
N GLY A 195 23.89 24.41 0.20
CA GLY A 195 25.03 23.77 0.87
C GLY A 195 24.86 23.75 2.37
N ALA A 196 23.64 23.95 2.88
CA ALA A 196 23.30 23.88 4.31
C ALA A 196 22.30 22.74 4.57
N THR A 197 22.10 22.40 5.83
CA THR A 197 21.11 21.39 6.26
C THR A 197 19.98 22.08 7.02
N LEU A 198 18.74 21.89 6.54
CA LEU A 198 17.54 22.52 7.12
C LEU A 198 16.56 21.43 7.54
N PHE A 199 15.48 21.85 8.20
CA PHE A 199 14.48 20.94 8.79
C PHE A 199 13.10 21.38 8.34
N ALA A 200 12.33 20.44 7.81
CA ALA A 200 10.94 20.64 7.37
C ALA A 200 10.01 19.93 8.34
N THR A 201 8.92 20.61 8.73
CA THR A 201 7.87 20.01 9.57
C THR A 201 7.10 18.99 8.75
N VAL A 202 7.00 17.76 9.26
CA VAL A 202 6.26 16.65 8.61
C VAL A 202 4.93 16.41 9.32
N GLY A 203 4.92 16.46 10.65
CA GLY A 203 3.71 16.20 11.42
C GLY A 203 4.01 16.15 12.89
N TYR A 204 3.00 15.81 13.67
CA TYR A 204 3.14 15.80 15.14
C TYR A 204 2.01 15.04 15.80
N MET A 205 2.20 14.81 17.09
CA MET A 205 1.19 14.20 17.97
C MET A 205 1.19 14.95 19.29
N THR A 206 0.01 15.16 19.86
CA THR A 206 -0.11 15.61 21.27
C THR A 206 -0.68 14.42 22.07
N VAL A 207 -0.13 14.25 23.25
CA VAL A 207 -0.48 13.12 24.16
C VAL A 207 -0.72 13.71 25.54
N TYR A 208 -1.84 13.39 26.15
CA TYR A 208 -2.14 13.89 27.52
C TYR A 208 -1.71 12.84 28.54
N ASN A 209 -0.86 13.22 29.48
CA ASN A 209 -0.31 12.27 30.48
C ASN A 209 -1.35 12.13 31.61
N TYR A 210 -2.41 11.40 31.33
CA TYR A 210 -3.62 11.33 32.18
C TYR A 210 -3.30 10.64 33.52
N TYR A 211 -3.66 11.25 34.63
CA TYR A 211 -3.37 10.72 35.98
C TYR A 211 -4.24 9.52 36.32
N VAL A 212 -3.61 8.44 36.78
CA VAL A 212 -4.34 7.23 37.26
C VAL A 212 -3.97 7.07 38.74
N TYR A 213 -4.96 7.28 39.59
CA TYR A 213 -4.75 7.27 41.05
C TYR A 213 -4.28 5.88 41.48
N PRO A 214 -3.31 5.77 42.42
CA PRO A 214 -2.65 6.90 43.07
C PRO A 214 -1.31 7.38 42.47
N ASP A 215 -0.67 6.60 41.62
CA ASP A 215 0.76 6.87 41.30
C ASP A 215 1.12 6.50 39.86
N LYS A 216 0.15 6.46 38.95
CA LYS A 216 0.42 5.99 37.56
C LYS A 216 -0.13 7.03 36.58
N THR A 217 0.20 6.85 35.32
CA THR A 217 -0.44 7.61 34.23
C THR A 217 -0.85 6.63 33.12
N ARG A 218 -1.77 7.10 32.30
CA ARG A 218 -2.25 6.42 31.07
C ARG A 218 -2.25 7.46 29.97
N PRO A 219 -1.10 7.64 29.30
CA PRO A 219 -0.99 8.62 28.21
C PRO A 219 -2.08 8.39 27.16
N ARG A 220 -2.72 9.47 26.77
CA ARG A 220 -3.87 9.47 25.84
C ARG A 220 -3.51 10.26 24.59
N VAL A 221 -3.38 9.56 23.46
CA VAL A 221 -3.15 10.20 22.16
C VAL A 221 -4.37 11.07 21.83
N SER A 222 -4.16 12.37 21.70
CA SER A 222 -5.23 13.37 21.53
C SER A 222 -5.36 13.80 20.08
N GLN A 223 -4.25 14.28 19.50
CA GLN A 223 -4.24 14.86 18.15
C GLN A 223 -3.04 14.27 17.43
N MET A 224 -3.23 13.85 16.20
CA MET A 224 -2.12 13.28 15.41
C MET A 224 -2.32 13.71 13.97
N LEU A 225 -1.30 14.30 13.40
CA LEU A 225 -1.37 14.77 12.00
C LEU A 225 -0.03 14.57 11.32
N ILE A 226 -0.06 13.83 10.21
CA ILE A 226 1.02 13.85 9.20
C ILE A 226 0.52 14.74 8.06
N LEU A 227 1.22 15.83 7.78
CA LEU A 227 0.75 16.80 6.75
C LEU A 227 0.62 16.10 5.40
N THR A 228 -0.39 16.51 4.64
CA THR A 228 -0.86 15.84 3.40
C THR A 228 0.31 15.37 2.52
N PRO A 229 1.32 16.20 2.16
CA PRO A 229 2.36 15.77 1.23
C PRO A 229 3.19 14.57 1.71
N PHE A 230 3.14 14.27 3.00
CA PHE A 230 3.97 13.23 3.66
C PHE A 230 3.14 11.99 3.99
N GLN A 231 1.83 12.01 3.74
CA GLN A 231 0.93 10.91 4.16
C GLN A 231 1.18 9.65 3.31
N GLY A 232 0.87 8.49 3.87
CA GLY A 232 0.94 7.20 3.14
C GLY A 232 2.37 6.80 2.81
N GLN A 233 3.35 7.23 3.60
CA GLN A 233 4.79 7.02 3.37
C GLN A 233 5.45 6.41 4.60
N GLY A 234 4.67 5.97 5.60
CA GLY A 234 5.15 5.26 6.79
C GLY A 234 5.45 6.18 7.97
N HIS A 235 5.27 7.50 7.84
CA HIS A 235 5.67 8.44 8.92
C HIS A 235 4.76 8.28 10.14
N GLY A 236 3.45 8.15 9.94
CA GLY A 236 2.53 7.97 11.08
C GLY A 236 2.88 6.72 11.87
N ALA A 237 3.20 5.64 11.17
CA ALA A 237 3.60 4.38 11.85
C ALA A 237 4.90 4.58 12.63
N GLN A 238 5.90 5.25 12.04
CA GLN A 238 7.17 5.54 12.76
C GLN A 238 6.85 6.37 14.01
N LEU A 239 5.95 7.35 13.88
CA LEU A 239 5.66 8.28 15.00
C LEU A 239 4.99 7.52 16.15
N LEU A 240 3.96 6.75 15.85
CA LEU A 240 3.24 6.04 16.93
C LEU A 240 4.14 4.97 17.54
N GLU A 241 4.96 4.28 16.73
CA GLU A 241 5.93 3.31 17.30
C GLU A 241 6.90 4.03 18.25
N THR A 242 7.44 5.17 17.83
CA THR A 242 8.44 5.92 18.62
C THR A 242 7.80 6.37 19.95
N VAL A 243 6.55 6.81 19.90
CA VAL A 243 5.82 7.23 21.12
C VAL A 243 5.65 6.01 22.07
N HIS A 244 5.26 4.84 21.57
CA HIS A 244 5.15 3.63 22.42
C HIS A 244 6.52 3.35 23.05
N ARG A 245 7.58 3.39 22.23
CA ARG A 245 8.95 3.08 22.72
C ARG A 245 9.37 4.11 23.78
N TYR A 246 8.98 5.36 23.63
CA TYR A 246 9.32 6.43 24.60
C TYR A 246 8.71 6.07 25.96
N TYR A 247 7.41 5.79 25.98
CA TYR A 247 6.67 5.59 27.25
C TYR A 247 7.05 4.24 27.86
N THR A 248 7.53 3.29 27.06
CA THR A 248 7.97 1.94 27.52
C THR A 248 9.07 2.08 28.60
N GLU A 249 9.84 3.16 28.60
CA GLU A 249 10.95 3.30 29.59
C GLU A 249 10.43 3.73 30.97
N PHE A 250 9.13 4.00 31.15
CA PHE A 250 8.56 4.51 32.43
C PHE A 250 7.71 3.44 33.11
N PRO A 251 8.16 2.84 34.24
CA PRO A 251 7.33 1.89 34.98
C PRO A 251 5.99 2.43 35.49
N THR A 252 5.86 3.73 35.69
CA THR A 252 4.64 4.42 36.19
C THR A 252 3.60 4.56 35.07
N VAL A 253 3.98 4.34 33.82
CA VAL A 253 2.99 4.34 32.70
C VAL A 253 2.32 2.98 32.63
N LEU A 254 0.99 2.95 32.68
CA LEU A 254 0.25 1.68 32.51
C LEU A 254 0.23 1.27 31.04
N ASP A 255 -0.42 2.06 30.21
CA ASP A 255 -0.55 1.79 28.76
C ASP A 255 -1.04 3.06 28.08
N ILE A 256 -1.19 3.01 26.77
CA ILE A 256 -1.52 4.19 25.94
C ILE A 256 -2.91 4.00 25.36
N THR A 257 -3.74 5.03 25.40
CA THR A 257 -5.07 5.07 24.80
C THR A 257 -5.15 6.26 23.83
N ALA A 258 -6.35 6.56 23.36
CA ALA A 258 -6.63 7.68 22.45
C ALA A 258 -7.96 8.32 22.85
N GLU A 259 -8.11 9.61 22.56
N GLU A 259 -8.08 9.60 22.53
CA GLU A 259 -9.23 10.44 23.08
CA GLU A 259 -9.33 10.39 22.63
C GLU A 259 -10.55 10.06 22.40
C GLU A 259 -10.18 10.14 21.38
N ASP A 260 -10.60 10.03 21.08
N ASP A 260 -11.35 9.52 21.52
CA ASP A 260 -11.86 9.67 20.37
CA ASP A 260 -12.29 9.36 20.37
C ASP A 260 -11.48 9.10 19.02
C ASP A 260 -11.48 9.09 19.09
N PRO A 261 -10.83 7.92 18.98
CA PRO A 261 -10.00 7.59 17.83
C PRO A 261 -10.81 7.46 16.52
N SER A 262 -10.29 8.02 15.44
CA SER A 262 -10.83 7.94 14.05
C SER A 262 -10.60 6.53 13.47
N LYS A 263 -11.39 6.16 12.46
CA LYS A 263 -11.20 4.91 11.68
C LYS A 263 -9.77 4.84 11.12
N SER A 264 -9.22 5.93 10.58
CA SER A 264 -7.83 5.94 10.04
C SER A 264 -6.84 5.70 11.18
N TYR A 265 -7.04 6.33 12.34
CA TYR A 265 -6.14 6.10 13.49
C TYR A 265 -6.21 4.62 13.92
N VAL A 266 -7.41 4.06 14.04
CA VAL A 266 -7.57 2.65 14.51
C VAL A 266 -6.78 1.73 13.56
N LYS A 267 -6.87 1.98 12.25
CA LYS A 267 -6.16 1.17 11.23
C LYS A 267 -4.65 1.29 11.46
N LEU A 268 -4.16 2.53 11.66
CA LEU A 268 -2.71 2.74 11.86
C LEU A 268 -2.26 2.04 13.15
N ARG A 269 -3.02 2.23 14.23
N ARG A 269 -3.01 2.22 14.24
CA ARG A 269 -2.67 1.65 15.56
CA ARG A 269 -2.66 1.65 15.57
C ARG A 269 -2.60 0.12 15.45
C ARG A 269 -2.61 0.12 15.47
N ASP A 270 -3.58 -0.50 14.79
CA ASP A 270 -3.60 -1.97 14.59
C ASP A 270 -2.31 -2.35 13.86
N PHE A 271 -1.96 -1.61 12.82
CA PHE A 271 -0.74 -1.93 12.04
C PHE A 271 0.48 -1.89 12.96
N VAL A 272 0.64 -0.79 13.71
CA VAL A 272 1.85 -0.58 14.54
C VAL A 272 1.89 -1.64 15.66
N LEU A 273 0.78 -1.87 16.34
CA LEU A 273 0.81 -2.76 17.54
C LEU A 273 0.99 -4.23 17.12
N VAL A 274 0.47 -4.61 15.97
CA VAL A 274 0.72 -5.97 15.42
C VAL A 274 2.22 -6.11 15.10
N LYS A 275 2.83 -5.09 14.50
CA LYS A 275 4.28 -5.09 14.19
C LYS A 275 5.10 -5.28 15.48
N LEU A 276 4.74 -4.59 16.56
CA LEU A 276 5.47 -4.66 17.85
C LEU A 276 5.26 -6.04 18.49
N CYS A 277 4.09 -6.64 18.37
CA CYS A 277 3.72 -7.88 19.11
C CYS A 277 4.08 -9.15 18.37
N GLN A 278 4.27 -9.10 17.05
CA GLN A 278 4.26 -10.32 16.20
C GLN A 278 5.37 -11.28 16.63
N ASP A 279 6.51 -10.80 17.13
CA ASP A 279 7.68 -11.65 17.48
C ASP A 279 7.70 -11.91 19.00
N LEU A 280 6.71 -11.48 19.78
CA LEU A 280 6.67 -11.77 21.24
C LEU A 280 6.31 -13.24 21.46
N PRO A 281 6.98 -13.94 22.41
CA PRO A 281 6.68 -15.35 22.69
C PRO A 281 5.21 -15.69 22.96
N CYS A 282 4.47 -14.81 23.63
N CYS A 282 4.47 -14.81 23.63
CA CYS A 282 3.05 -15.04 23.98
CA CYS A 282 3.04 -15.04 23.99
C CYS A 282 2.17 -15.02 22.72
C CYS A 282 2.16 -14.97 22.74
N PHE A 283 2.68 -14.49 21.61
CA PHE A 283 1.92 -14.38 20.32
C PHE A 283 2.46 -15.37 19.27
N SER A 284 3.17 -16.43 19.68
CA SER A 284 3.68 -17.47 18.75
C SER A 284 2.49 -18.15 18.09
N ARG A 285 2.70 -18.77 16.92
CA ARG A 285 1.63 -19.52 16.21
C ARG A 285 0.96 -20.50 17.18
N GLU A 286 1.75 -21.32 17.89
CA GLU A 286 1.22 -22.39 18.78
C GLU A 286 0.38 -21.76 19.89
N LYS A 287 0.81 -20.62 20.45
CA LYS A 287 -0.01 -19.87 21.44
C LYS A 287 -1.28 -19.35 20.74
N LEU A 288 -1.16 -18.76 19.54
CA LEU A 288 -2.34 -18.15 18.87
C LEU A 288 -3.41 -19.22 18.59
N MET A 289 -2.97 -20.41 18.18
CA MET A 289 -3.91 -21.49 17.75
C MET A 289 -4.74 -22.00 18.95
N GLN A 290 -4.29 -21.72 20.19
CA GLN A 290 -5.00 -22.14 21.44
C GLN A 290 -5.99 -21.05 21.88
N GLY A 291 -6.10 -19.93 21.15
CA GLY A 291 -7.08 -18.87 21.41
C GLY A 291 -6.50 -17.76 22.28
N PHE A 292 -7.25 -16.70 22.52
CA PHE A 292 -6.76 -15.52 23.26
C PHE A 292 -6.48 -15.94 24.71
N ASN A 293 -5.30 -15.58 25.22
CA ASN A 293 -4.96 -15.78 26.65
C ASN A 293 -4.57 -14.42 27.24
N GLU A 294 -5.00 -14.13 28.46
CA GLU A 294 -4.62 -12.90 29.23
C GLU A 294 -3.11 -12.63 29.20
N ASP A 295 -2.27 -13.64 29.17
CA ASP A 295 -0.80 -13.43 29.23
C ASP A 295 -0.38 -12.63 27.98
N MET A 296 -1.16 -12.67 26.90
CA MET A 296 -0.90 -11.87 25.67
C MET A 296 -1.04 -10.38 26.01
N ALA A 297 -2.14 -10.01 26.66
CA ALA A 297 -2.37 -8.63 27.13
C ALA A 297 -1.31 -8.23 28.16
N ILE A 298 -0.93 -9.11 29.10
CA ILE A 298 0.12 -8.81 30.12
C ILE A 298 1.44 -8.50 29.41
N GLU A 299 1.87 -9.34 28.48
CA GLU A 299 3.17 -9.16 27.80
C GLU A 299 3.10 -7.89 26.94
N ALA A 300 1.99 -7.65 26.24
CA ALA A 300 1.83 -6.45 25.38
C ALA A 300 1.91 -5.20 26.26
N GLN A 301 1.31 -5.25 27.45
CA GLN A 301 1.31 -4.07 28.36
C GLN A 301 2.74 -3.86 28.90
N GLN A 302 3.40 -4.93 29.33
CA GLN A 302 4.73 -4.84 29.98
C GLN A 302 5.79 -4.38 28.97
N LYS A 303 5.74 -4.88 27.74
CA LYS A 303 6.84 -4.71 26.75
C LYS A 303 6.65 -3.40 26.01
N PHE A 304 5.41 -2.98 25.75
CA PHE A 304 5.13 -1.86 24.82
C PHE A 304 4.01 -0.94 25.29
N LYS A 305 3.55 -1.04 26.54
CA LYS A 305 2.51 -0.15 27.09
C LYS A 305 1.26 -0.22 26.20
N ILE A 306 0.95 -1.40 25.70
CA ILE A 306 -0.27 -1.64 24.89
C ILE A 306 -1.45 -1.93 25.82
N ASN A 307 -2.54 -1.21 25.61
CA ASN A 307 -3.81 -1.31 26.36
C ASN A 307 -4.46 -2.68 26.09
N LYS A 308 -5.10 -3.27 27.11
CA LYS A 308 -5.68 -4.64 27.02
C LYS A 308 -6.65 -4.78 25.85
N GLN A 309 -7.50 -3.78 25.59
N GLN A 309 -7.48 -3.78 25.56
CA GLN A 309 -8.48 -3.77 24.48
CA GLN A 309 -8.49 -3.86 24.47
C GLN A 309 -7.70 -3.97 23.18
C GLN A 309 -7.78 -3.86 23.11
N HIS A 310 -6.61 -3.21 23.02
CA HIS A 310 -5.78 -3.23 21.79
C HIS A 310 -5.05 -4.57 21.65
N ALA A 311 -4.61 -5.17 22.76
CA ALA A 311 -3.92 -6.48 22.74
C ALA A 311 -4.89 -7.54 22.18
N ARG A 312 -6.17 -7.44 22.50
CA ARG A 312 -7.18 -8.42 22.00
C ARG A 312 -7.29 -8.27 20.48
N ARG A 313 -7.27 -7.04 19.97
CA ARG A 313 -7.32 -6.80 18.50
C ARG A 313 -6.07 -7.38 17.85
N VAL A 314 -4.90 -7.19 18.46
CA VAL A 314 -3.63 -7.73 17.94
C VAL A 314 -3.77 -9.25 17.83
N TYR A 315 -4.30 -9.90 18.88
CA TYR A 315 -4.56 -11.36 18.86
C TYR A 315 -5.40 -11.74 17.63
N GLU A 316 -6.53 -11.08 17.43
CA GLU A 316 -7.50 -11.40 16.35
C GLU A 316 -6.78 -11.28 15.00
N ILE A 317 -5.99 -10.22 14.81
CA ILE A 317 -5.31 -9.97 13.52
C ILE A 317 -4.22 -11.01 13.31
N LEU A 318 -3.42 -11.32 14.33
CA LEU A 318 -2.33 -12.31 14.19
C LEU A 318 -2.92 -13.71 14.00
N ARG A 319 -4.03 -14.02 14.66
CA ARG A 319 -4.74 -15.32 14.48
C ARG A 319 -5.16 -15.46 13.01
N LEU A 320 -5.71 -14.39 12.41
CA LEU A 320 -6.10 -14.41 10.96
C LEU A 320 -4.83 -14.61 10.10
N LEU A 321 -3.69 -14.07 10.53
CA LEU A 321 -2.43 -14.05 9.74
C LEU A 321 -1.80 -15.45 9.68
N VAL A 322 -2.00 -16.30 10.69
CA VAL A 322 -1.31 -17.63 10.79
C VAL A 322 -2.19 -18.72 10.18
N THR A 323 -3.35 -18.34 9.64
CA THR A 323 -4.36 -19.24 9.04
C THR A 323 -4.75 -18.76 7.63
N ASP A 324 -5.50 -19.60 6.91
CA ASP A 324 -5.84 -19.46 5.46
C ASP A 324 -7.34 -19.14 5.32
N GLY B 1 45.22 -25.06 -11.74
CA GLY B 1 44.26 -23.95 -11.92
C GLY B 1 44.22 -23.08 -10.67
N SER B 2 44.18 -21.77 -10.85
CA SER B 2 44.21 -20.76 -9.75
C SER B 2 43.06 -19.75 -9.91
N LYS B 3 41.95 -20.14 -10.51
CA LYS B 3 40.77 -19.24 -10.49
C LYS B 3 40.33 -19.04 -9.04
N LYS B 4 39.72 -17.89 -8.74
CA LYS B 4 39.01 -17.66 -7.46
C LYS B 4 37.61 -18.23 -7.64
N LEU B 5 37.43 -19.51 -7.30
CA LEU B 5 36.24 -20.26 -7.74
C LEU B 5 34.99 -19.80 -7.00
N ALA B 6 35.13 -19.01 -5.92
CA ALA B 6 33.99 -18.32 -5.28
C ALA B 6 33.35 -17.35 -6.29
N GLU B 7 34.11 -16.82 -7.24
CA GLU B 7 33.61 -15.90 -8.29
C GLU B 7 32.84 -16.67 -9.38
N TYR B 8 32.94 -18.01 -9.37
CA TYR B 8 32.28 -18.87 -10.38
C TYR B 8 31.06 -19.55 -9.75
N LYS B 9 30.58 -19.04 -8.60
CA LYS B 9 29.28 -19.42 -7.98
C LYS B 9 28.35 -18.22 -8.11
N YCM B 10 27.16 -18.40 -8.70
N YCM B 10 27.17 -18.44 -8.70
CA YCM B 10 26.30 -17.26 -8.97
CA YCM B 10 26.25 -17.36 -9.00
CB YCM B 10 26.26 -16.98 -10.45
CB YCM B 10 26.04 -17.26 -10.50
SG YCM B 10 27.87 -16.98 -11.26
SG YCM B 10 25.61 -15.60 -11.07
CD YCM B 10 28.69 -15.57 -10.48
CD YCM B 10 27.10 -14.69 -10.56
CE YCM B 10 28.09 -14.27 -10.92
CE YCM B 10 28.34 -15.19 -11.28
OZ1 YCM B 10 27.97 -14.01 -12.12
OZ1 YCM B 10 29.25 -15.75 -10.67
NZ2 YCM B 10 27.69 -13.48 -9.97
NZ2 YCM B 10 28.38 -14.96 -12.57
C YCM B 10 24.88 -17.53 -8.50
C YCM B 10 24.91 -17.61 -8.35
O YCM B 10 24.32 -18.58 -8.82
O YCM B 10 24.43 -18.74 -8.34
N ASN B 11 24.30 -16.54 -7.82
CA ASN B 11 22.92 -16.56 -7.36
C ASN B 11 22.00 -16.62 -8.59
N THR B 12 21.21 -17.69 -8.74
CA THR B 12 20.37 -17.84 -9.96
C THR B 12 19.14 -16.92 -9.88
N ASN B 13 18.74 -16.46 -8.68
CA ASN B 13 17.63 -15.48 -8.54
C ASN B 13 17.99 -14.12 -9.15
N THR B 14 19.28 -13.79 -9.25
CA THR B 14 19.75 -12.54 -9.89
C THR B 14 20.31 -12.81 -11.30
N ALA B 15 20.77 -14.03 -11.62
CA ALA B 15 21.36 -14.34 -12.95
C ALA B 15 20.27 -14.47 -14.01
N ILE B 16 19.07 -14.90 -13.62
CA ILE B 16 17.95 -15.10 -14.58
C ILE B 16 17.23 -13.77 -14.79
N GLU B 17 17.30 -13.26 -16.02
CA GLU B 17 16.73 -11.95 -16.45
C GLU B 17 15.50 -12.24 -17.32
N LEU B 18 14.34 -11.82 -16.84
CA LEU B 18 13.04 -11.97 -17.54
C LEU B 18 12.65 -10.62 -18.15
N LYS B 19 12.14 -10.65 -19.37
CA LYS B 19 11.54 -9.45 -20.00
C LYS B 19 10.24 -9.84 -20.70
N LEU B 20 9.29 -8.91 -20.69
CA LEU B 20 8.10 -8.94 -21.57
C LEU B 20 8.29 -7.82 -22.59
N VAL B 21 8.41 -8.17 -23.85
CA VAL B 21 8.87 -7.23 -24.90
C VAL B 21 7.69 -6.86 -25.79
N ARG B 22 7.36 -5.57 -25.84
CA ARG B 22 6.37 -5.02 -26.79
C ARG B 22 7.07 -4.33 -27.95
N PHE B 23 8.19 -3.66 -27.67
CA PHE B 23 8.92 -2.81 -28.63
C PHE B 23 10.40 -3.20 -28.64
N PRO B 24 11.10 -3.06 -29.77
CA PRO B 24 12.53 -3.38 -29.81
C PRO B 24 13.34 -2.72 -28.69
N GLU B 25 13.04 -1.47 -28.33
CA GLU B 25 13.80 -0.71 -27.28
C GLU B 25 13.69 -1.43 -25.92
N ASP B 26 12.69 -2.29 -25.72
CA ASP B 26 12.53 -3.03 -24.44
C ASP B 26 13.74 -3.95 -24.20
N LEU B 27 14.43 -4.41 -25.26
CA LEU B 27 15.60 -5.32 -25.16
C LEU B 27 16.78 -4.61 -24.49
N GLU B 28 16.88 -3.27 -24.58
CA GLU B 28 18.02 -2.51 -24.01
C GLU B 28 17.59 -1.70 -22.78
N ASN B 29 16.33 -1.78 -22.35
CA ASN B 29 15.83 -0.98 -21.19
C ASN B 29 15.84 -1.86 -19.93
N ASP B 30 16.77 -1.63 -19.00
CA ASP B 30 16.90 -2.48 -17.77
C ASP B 30 15.66 -2.38 -16.88
N ILE B 31 14.89 -1.30 -16.99
CA ILE B 31 13.59 -1.13 -16.24
C ILE B 31 12.63 -2.27 -16.62
N ARG B 32 12.71 -2.77 -17.85
CA ARG B 32 11.80 -3.86 -18.31
C ARG B 32 12.22 -5.21 -17.72
N THR B 33 13.44 -5.33 -17.18
CA THR B 33 13.96 -6.63 -16.68
C THR B 33 13.42 -6.90 -15.27
N PHE B 34 12.88 -8.10 -15.04
CA PHE B 34 12.48 -8.54 -13.68
C PHE B 34 13.07 -9.92 -13.42
N PHE B 35 13.03 -10.36 -12.17
CA PHE B 35 13.85 -11.51 -11.70
C PHE B 35 12.98 -12.50 -10.94
N PRO B 36 13.35 -13.79 -10.94
CA PRO B 36 12.65 -14.76 -10.10
C PRO B 36 12.70 -14.42 -8.60
N GLU B 37 11.66 -14.84 -7.88
CA GLU B 37 11.64 -14.90 -6.40
C GLU B 37 12.10 -16.29 -5.93
N TYR B 38 11.98 -17.32 -6.77
CA TYR B 38 12.34 -18.72 -6.45
C TYR B 38 13.12 -19.34 -7.61
N THR B 39 14.24 -20.02 -7.34
CA THR B 39 14.91 -20.89 -8.35
C THR B 39 15.32 -22.22 -7.75
N HIS B 40 14.87 -22.53 -6.52
CA HIS B 40 15.31 -23.72 -5.76
C HIS B 40 14.88 -25.04 -6.41
N GLN B 41 13.81 -25.07 -7.22
CA GLN B 41 13.36 -26.35 -7.82
C GLN B 41 14.29 -26.73 -8.97
N LEU B 42 15.11 -25.81 -9.49
CA LEU B 42 16.09 -26.12 -10.56
C LEU B 42 17.52 -26.09 -9.98
N PHE B 43 17.81 -25.13 -9.11
CA PHE B 43 19.20 -24.78 -8.71
C PHE B 43 19.42 -25.04 -7.21
N GLY B 44 18.53 -25.83 -6.60
CA GLY B 44 18.69 -26.33 -5.21
C GLY B 44 18.36 -25.28 -4.19
N ASP B 45 18.29 -25.67 -2.91
CA ASP B 45 17.96 -24.76 -1.79
C ASP B 45 18.89 -23.54 -1.76
N ASP B 46 20.13 -23.68 -2.22
CA ASP B 46 21.15 -22.60 -2.21
C ASP B 46 20.91 -21.62 -3.36
N GLU B 47 20.14 -22.02 -4.37
CA GLU B 47 19.80 -21.14 -5.53
C GLU B 47 21.12 -20.60 -6.11
N THR B 48 22.03 -21.51 -6.45
CA THR B 48 23.33 -21.17 -7.09
C THR B 48 23.59 -22.06 -8.29
N ALA B 49 24.37 -21.54 -9.24
CA ALA B 49 24.91 -22.28 -10.38
C ALA B 49 26.42 -22.13 -10.34
N PHE B 50 27.15 -23.20 -10.64
CA PHE B 50 28.62 -23.21 -10.61
C PHE B 50 29.17 -23.24 -12.03
N GLY B 51 30.26 -22.49 -12.25
CA GLY B 51 31.14 -22.70 -13.40
C GLY B 51 31.29 -21.46 -14.26
N TYR B 52 30.53 -20.40 -13.95
CA TYR B 52 30.45 -19.19 -14.81
C TYR B 52 30.73 -17.94 -13.98
N LYS B 53 31.46 -17.01 -14.57
CA LYS B 53 31.60 -15.64 -14.01
C LYS B 53 30.85 -14.70 -14.94
N GLY B 54 30.10 -13.75 -14.38
CA GLY B 54 29.24 -12.84 -15.16
C GLY B 54 28.08 -13.57 -15.83
N LEU B 55 27.54 -14.60 -15.19
CA LEU B 55 26.44 -15.46 -15.73
C LEU B 55 25.17 -14.59 -15.94
N LYS B 56 24.60 -14.65 -17.13
CA LYS B 56 23.26 -14.06 -17.42
C LYS B 56 22.46 -15.14 -18.12
N ILE B 57 21.30 -15.48 -17.57
CA ILE B 57 20.34 -16.47 -18.17
C ILE B 57 19.16 -15.65 -18.67
N LEU B 58 19.13 -15.37 -19.97
CA LEU B 58 18.16 -14.46 -20.60
C LEU B 58 16.94 -15.28 -21.00
N LEU B 59 15.78 -14.92 -20.48
CA LEU B 59 14.48 -15.47 -20.90
C LEU B 59 13.60 -14.30 -21.25
N TYR B 60 13.57 -13.96 -22.53
CA TYR B 60 12.79 -12.81 -23.03
C TYR B 60 11.56 -13.37 -23.73
N TYR B 61 10.43 -12.71 -23.50
CA TYR B 61 9.10 -13.16 -23.97
C TYR B 61 8.45 -12.03 -24.75
N ILE B 62 7.97 -12.31 -25.96
CA ILE B 62 7.08 -11.34 -26.66
CA ILE B 62 7.08 -11.36 -26.66
C ILE B 62 5.83 -11.17 -25.78
N ALA B 63 5.40 -9.91 -25.58
CA ALA B 63 4.47 -9.52 -24.49
C ALA B 63 3.17 -10.31 -24.55
N GLY B 64 2.63 -10.62 -25.72
CA GLY B 64 1.33 -11.31 -25.82
C GLY B 64 1.49 -12.81 -25.90
N SER B 65 2.01 -13.28 -27.04
CA SER B 65 2.16 -14.70 -27.40
C SER B 65 3.13 -15.42 -26.46
N LEU B 66 4.03 -14.68 -25.82
CA LEU B 66 5.13 -15.22 -24.98
C LEU B 66 6.09 -16.05 -25.84
N SER B 67 6.15 -15.82 -27.14
CA SER B 67 7.23 -16.39 -27.97
C SER B 67 8.58 -16.05 -27.33
N THR B 68 9.47 -17.03 -27.23
CA THR B 68 10.59 -17.00 -26.25
C THR B 68 11.95 -16.90 -26.95
N MET B 69 12.82 -16.06 -26.40
CA MET B 69 14.28 -16.13 -26.67
C MET B 69 14.96 -16.63 -25.40
N PHE B 70 15.80 -17.66 -25.53
CA PHE B 70 16.60 -18.22 -24.41
C PHE B 70 18.07 -18.18 -24.80
N ARG B 71 18.89 -17.51 -23.99
CA ARG B 71 20.35 -17.41 -24.20
C ARG B 71 21.06 -17.47 -22.87
N VAL B 72 22.19 -18.19 -22.80
CA VAL B 72 23.08 -18.16 -21.60
C VAL B 72 24.33 -17.38 -22.00
N GLU B 73 24.63 -16.30 -21.29
CA GLU B 73 25.83 -15.46 -21.54
C GLU B 73 26.71 -15.51 -20.30
N TYR B 74 28.01 -15.29 -20.49
CA TYR B 74 28.98 -15.23 -19.37
C TYR B 74 30.24 -14.53 -19.86
N ALA B 75 30.97 -13.98 -18.90
CA ALA B 75 32.28 -13.33 -19.12
C ALA B 75 33.36 -14.42 -19.22
N SER B 76 33.28 -15.47 -18.40
CA SER B 76 34.24 -16.59 -18.46
C SER B 76 33.61 -17.84 -17.83
N LYS B 77 34.16 -19.01 -18.15
N LYS B 77 34.19 -18.99 -18.15
CA LYS B 77 33.62 -20.30 -17.63
CA LYS B 77 33.68 -20.33 -17.81
C LYS B 77 34.78 -21.27 -17.43
C LYS B 77 34.87 -21.17 -17.34
N VAL B 78 34.67 -22.06 -16.38
CA VAL B 78 35.72 -23.08 -16.04
C VAL B 78 35.85 -24.05 -17.23
N ASP B 79 37.06 -24.60 -17.38
CA ASP B 79 37.45 -25.57 -18.43
C ASP B 79 38.21 -26.67 -17.68
N GLU B 80 37.73 -27.90 -17.73
CA GLU B 80 38.35 -29.01 -16.99
C GLU B 80 39.85 -29.08 -17.30
N ASN B 81 40.27 -28.75 -18.52
CA ASN B 81 41.67 -28.91 -18.97
C ASN B 81 42.57 -27.82 -18.38
N PHE B 82 42.00 -26.87 -17.64
CA PHE B 82 42.73 -25.84 -16.87
C PHE B 82 42.37 -25.82 -15.38
N ASP B 83 41.12 -26.18 -15.04
CA ASP B 83 40.52 -25.99 -13.69
C ASP B 83 40.09 -27.32 -13.05
N YCM B 84 40.19 -28.46 -13.77
CA YCM B 84 39.91 -29.80 -13.24
CB YCM B 84 40.74 -30.08 -11.99
SG YCM B 84 42.50 -30.38 -12.28
CD YCM B 84 43.23 -28.71 -12.27
CE YCM B 84 43.06 -28.00 -10.96
OZ1 YCM B 84 42.99 -28.62 -9.90
NZ2 YCM B 84 42.95 -26.69 -11.05
C YCM B 84 38.42 -30.02 -12.90
O YCM B 84 38.07 -31.07 -12.34
N VAL B 85 37.57 -29.08 -13.29
CA VAL B 85 36.14 -29.16 -13.01
C VAL B 85 35.41 -28.62 -14.24
N GLU B 86 34.17 -29.08 -14.41
CA GLU B 86 33.28 -28.73 -15.54
C GLU B 86 32.20 -27.78 -15.02
N ALA B 87 31.75 -26.86 -15.87
CA ALA B 87 30.62 -25.96 -15.53
C ALA B 87 29.31 -26.75 -15.46
N ASP B 88 28.40 -26.30 -14.59
CA ASP B 88 27.01 -26.85 -14.51
C ASP B 88 26.35 -26.69 -15.89
N ASP B 89 25.46 -27.63 -16.25
CA ASP B 89 24.69 -27.57 -17.52
C ASP B 89 23.46 -26.68 -17.29
N VAL B 90 23.68 -25.38 -17.17
CA VAL B 90 22.61 -24.39 -16.89
C VAL B 90 21.59 -24.44 -18.05
N GLU B 91 22.05 -24.52 -19.29
CA GLU B 91 21.19 -24.62 -20.50
C GLU B 91 20.23 -25.81 -20.34
N GLY B 92 20.76 -26.99 -20.00
CA GLY B 92 19.96 -28.22 -19.85
C GLY B 92 18.91 -28.10 -18.77
N LYS B 93 19.23 -27.45 -17.65
CA LYS B 93 18.27 -27.23 -16.54
C LYS B 93 17.11 -26.33 -17.00
N ILE B 94 17.39 -25.23 -17.69
CA ILE B 94 16.31 -24.30 -18.15
C ILE B 94 15.43 -25.04 -19.18
N ARG B 95 16.04 -25.82 -20.07
N ARG B 95 16.03 -25.83 -20.07
CA ARG B 95 15.33 -26.61 -21.11
CA ARG B 95 15.29 -26.59 -21.12
C ARG B 95 14.37 -27.63 -20.49
C ARG B 95 14.37 -27.64 -20.50
N GLN B 96 14.55 -28.02 -19.22
CA GLN B 96 13.60 -28.94 -18.52
C GLN B 96 12.24 -28.25 -18.33
N ILE B 97 12.17 -26.90 -18.26
CA ILE B 97 10.90 -26.23 -17.86
C ILE B 97 10.40 -25.24 -18.90
N ILE B 98 11.06 -25.11 -20.05
CA ILE B 98 10.53 -24.32 -21.18
C ILE B 98 10.34 -25.26 -22.36
N PRO B 99 9.34 -25.02 -23.21
CA PRO B 99 9.12 -25.88 -24.36
C PRO B 99 10.21 -25.69 -25.41
N PRO B 100 10.40 -26.66 -26.32
CA PRO B 100 11.34 -26.48 -27.43
C PRO B 100 10.86 -25.40 -28.39
N GLY B 101 11.74 -24.97 -29.29
CA GLY B 101 11.38 -24.06 -30.39
C GLY B 101 11.63 -22.60 -30.04
N PHE B 102 12.26 -22.31 -28.91
CA PHE B 102 12.68 -20.93 -28.54
C PHE B 102 13.71 -20.43 -29.55
N CYS B 103 13.79 -19.12 -29.77
N CYS B 103 13.75 -19.10 -29.72
CA CYS B 103 14.87 -18.53 -30.57
CA CYS B 103 14.80 -18.35 -30.45
C CYS B 103 16.06 -18.22 -29.65
C CYS B 103 16.08 -18.31 -29.60
N THR B 104 17.25 -18.15 -30.24
CA THR B 104 18.54 -18.09 -29.50
C THR B 104 19.26 -16.77 -29.76
N ASN B 105 18.68 -15.86 -30.55
CA ASN B 105 19.32 -14.57 -30.88
C ASN B 105 18.27 -13.47 -31.03
N THR B 106 18.74 -12.23 -30.90
CA THR B 106 17.97 -10.97 -31.00
C THR B 106 17.27 -10.85 -32.36
N ASN B 107 17.96 -11.14 -33.47
CA ASN B 107 17.41 -10.95 -34.84
C ASN B 107 16.16 -11.81 -35.02
N ASP B 108 16.24 -13.09 -34.68
CA ASP B 108 15.12 -14.06 -34.80
C ASP B 108 13.98 -13.61 -33.88
N PHE B 109 14.31 -13.13 -32.69
CA PHE B 109 13.31 -12.65 -31.70
C PHE B 109 12.56 -11.44 -32.25
N LEU B 110 13.26 -10.47 -32.83
CA LEU B 110 12.63 -9.25 -33.40
C LEU B 110 11.76 -9.62 -34.61
N SER B 111 12.11 -10.65 -35.39
CA SER B 111 11.27 -11.13 -36.51
C SER B 111 9.95 -11.66 -35.96
N LEU B 112 9.98 -12.37 -34.82
CA LEU B 112 8.74 -12.87 -34.20
C LEU B 112 7.95 -11.68 -33.65
N LEU B 113 8.61 -10.66 -33.12
CA LEU B 113 7.92 -9.47 -32.58
C LEU B 113 7.09 -8.83 -33.70
N GLU B 114 7.56 -8.86 -34.96
CA GLU B 114 6.79 -8.24 -36.06
C GLU B 114 5.46 -8.96 -36.26
N LYS B 115 5.38 -10.26 -35.94
CA LYS B 115 4.14 -11.08 -36.17
C LYS B 115 3.13 -10.91 -35.02
N GLU B 116 3.46 -10.13 -33.98
CA GLU B 116 2.68 -10.07 -32.75
C GLU B 116 1.32 -9.42 -33.06
N VAL B 117 1.20 -8.62 -34.14
CA VAL B 117 -0.13 -8.08 -34.58
C VAL B 117 -1.16 -9.22 -34.69
N ASP B 118 -0.77 -10.44 -35.05
CA ASP B 118 -1.71 -11.58 -35.25
C ASP B 118 -2.20 -12.16 -33.92
N PHE B 119 -1.54 -11.87 -32.80
CA PHE B 119 -1.86 -12.53 -31.51
C PHE B 119 -3.18 -11.97 -30.98
N LYS B 120 -4.08 -12.87 -30.60
CA LYS B 120 -5.37 -12.52 -30.01
C LYS B 120 -5.53 -13.31 -28.71
N PRO B 121 -6.26 -12.76 -27.73
CA PRO B 121 -6.60 -13.53 -26.55
C PRO B 121 -7.31 -14.84 -26.89
N PHE B 122 -7.13 -15.85 -26.04
CA PHE B 122 -7.82 -17.15 -26.17
C PHE B 122 -9.13 -17.12 -25.39
N GLY B 123 -10.17 -17.74 -25.95
CA GLY B 123 -11.36 -18.09 -25.17
C GLY B 123 -12.40 -17.01 -25.17
N THR B 124 -13.22 -17.01 -24.13
CA THR B 124 -14.45 -16.19 -24.02
C THR B 124 -14.20 -14.98 -23.11
N LEU B 125 -14.52 -13.79 -23.60
CA LEU B 125 -14.38 -12.56 -22.80
C LEU B 125 -15.37 -12.56 -21.63
N LEU B 126 -14.89 -12.39 -20.42
CA LEU B 126 -15.73 -12.33 -19.19
C LEU B 126 -15.92 -10.90 -18.71
N HIS B 127 -14.87 -10.08 -18.80
CA HIS B 127 -14.85 -8.79 -18.09
C HIS B 127 -13.86 -7.86 -18.76
N THR B 128 -14.24 -6.58 -18.87
N THR B 128 -14.20 -6.57 -18.81
CA THR B 128 -13.35 -5.49 -19.33
CA THR B 128 -13.36 -5.49 -19.38
C THR B 128 -13.32 -4.44 -18.24
C THR B 128 -13.35 -4.32 -18.38
N TYR B 129 -12.18 -3.77 -18.09
CA TYR B 129 -12.04 -2.63 -17.15
C TYR B 129 -10.94 -1.71 -17.66
N SER B 130 -10.99 -0.47 -17.17
CA SER B 130 -10.09 0.63 -17.57
C SER B 130 -9.42 1.17 -16.33
N VAL B 131 -8.15 1.56 -16.46
CA VAL B 131 -7.40 2.31 -15.42
C VAL B 131 -7.03 3.67 -16.03
N LEU B 132 -7.36 4.77 -15.33
CA LEU B 132 -6.98 6.16 -15.68
C LEU B 132 -5.67 6.52 -14.97
N GLU B 138 -4.11 9.12 -21.27
CA GLU B 138 -3.54 7.80 -20.87
C GLU B 138 -4.59 7.02 -20.06
N ASN B 139 -5.52 6.35 -20.76
CA ASN B 139 -6.45 5.33 -20.23
C ASN B 139 -5.94 3.95 -20.66
N PHE B 140 -5.85 2.99 -19.74
CA PHE B 140 -5.36 1.62 -19.99
C PHE B 140 -6.54 0.66 -19.90
N THR B 141 -6.69 -0.26 -20.86
CA THR B 141 -7.84 -1.19 -20.93
C THR B 141 -7.34 -2.63 -20.75
N PHE B 142 -8.02 -3.35 -19.88
CA PHE B 142 -7.69 -4.77 -19.54
C PHE B 142 -8.91 -5.65 -19.81
N GLN B 143 -8.65 -6.91 -20.17
CA GLN B 143 -9.72 -7.89 -20.43
C GLN B 143 -9.37 -9.20 -19.74
N ILE B 144 -10.40 -9.87 -19.23
CA ILE B 144 -10.30 -11.20 -18.61
C ILE B 144 -11.08 -12.19 -19.46
N TYR B 145 -10.44 -13.30 -19.74
CA TYR B 145 -10.98 -14.38 -20.59
C TYR B 145 -10.99 -15.68 -19.81
N LYS B 146 -11.93 -16.55 -20.17
CA LYS B 146 -11.89 -17.98 -19.79
C LYS B 146 -11.48 -18.75 -21.04
N ALA B 147 -10.38 -19.48 -20.95
CA ALA B 147 -9.84 -20.23 -22.11
C ALA B 147 -9.78 -21.71 -21.79
N ASP B 148 -9.74 -22.57 -22.82
CA ASP B 148 -9.57 -24.02 -22.60
C ASP B 148 -8.68 -24.61 -23.71
N MET B 149 -8.28 -25.85 -23.51
CA MET B 149 -7.29 -26.55 -24.35
C MET B 149 -7.85 -26.83 -25.75
N THR B 150 -9.14 -26.58 -26.00
CA THR B 150 -9.70 -26.70 -27.37
C THR B 150 -9.45 -25.43 -28.17
N YCM B 151 -9.02 -24.32 -27.56
CA YCM B 151 -8.76 -23.11 -28.33
CB YCM B 151 -8.66 -21.88 -27.41
SG YCM B 151 -10.08 -21.50 -26.37
CD YCM B 151 -11.31 -20.95 -27.61
CE YCM B 151 -10.74 -20.02 -28.71
OZ1 YCM B 151 -10.17 -18.95 -28.46
NZ2 YCM B 151 -10.97 -20.43 -29.93
C YCM B 151 -7.45 -23.24 -29.09
O YCM B 151 -6.41 -23.54 -28.49
N ARG B 152 -7.46 -22.94 -30.40
CA ARG B 152 -6.26 -23.12 -31.20
C ARG B 152 -5.11 -22.30 -30.59
N GLY B 153 -3.96 -22.93 -30.40
CA GLY B 153 -2.73 -22.28 -29.92
C GLY B 153 -2.67 -22.18 -28.40
N PHE B 154 -3.74 -22.47 -27.67
CA PHE B 154 -3.72 -22.26 -26.19
C PHE B 154 -2.75 -23.24 -25.48
N ARG B 155 -2.73 -24.52 -25.88
N ARG B 155 -2.71 -24.51 -25.91
CA ARG B 155 -1.83 -25.51 -25.23
CA ARG B 155 -1.85 -25.54 -25.28
C ARG B 155 -0.38 -25.00 -25.31
C ARG B 155 -0.38 -25.12 -25.36
N GLU B 156 0.07 -24.62 -26.50
CA GLU B 156 1.48 -24.19 -26.72
C GLU B 156 1.75 -22.91 -25.92
N TYR B 157 0.82 -21.98 -25.93
CA TYR B 157 0.90 -20.70 -25.16
C TYR B 157 1.04 -21.03 -23.66
N HIS B 158 0.20 -21.93 -23.16
CA HIS B 158 0.19 -22.29 -21.72
C HIS B 158 1.54 -22.94 -21.34
N GLU B 159 2.15 -23.75 -22.20
CA GLU B 159 3.51 -24.29 -21.95
C GLU B 159 4.53 -23.15 -21.79
N ARG B 160 4.43 -22.08 -22.58
CA ARG B 160 5.36 -20.93 -22.48
C ARG B 160 5.07 -20.18 -21.19
N LEU B 161 3.80 -20.00 -20.84
CA LEU B 161 3.37 -19.21 -19.67
C LEU B 161 3.75 -19.92 -18.37
N GLN B 162 3.56 -21.23 -18.28
CA GLN B 162 3.59 -21.95 -16.98
C GLN B 162 4.99 -21.86 -16.36
N THR B 163 6.03 -21.67 -17.17
CA THR B 163 7.43 -21.53 -16.65
C THR B 163 7.46 -20.45 -15.57
N PHE B 164 6.69 -19.37 -15.75
CA PHE B 164 6.73 -18.24 -14.80
C PHE B 164 6.30 -18.69 -13.40
N LEU B 165 5.44 -19.71 -13.29
CA LEU B 165 4.99 -20.17 -11.95
C LEU B 165 6.19 -20.68 -11.17
N MET B 166 7.14 -21.31 -11.83
CA MET B 166 8.34 -21.86 -11.15
C MET B 166 9.10 -20.72 -10.48
N TRP B 167 9.12 -19.54 -11.08
CA TRP B 167 9.92 -18.40 -10.56
C TRP B 167 9.19 -17.68 -9.41
N PHE B 168 7.85 -17.79 -9.32
CA PHE B 168 7.05 -16.87 -8.47
C PHE B 168 6.12 -17.58 -7.48
N ILE B 169 5.94 -18.89 -7.58
CA ILE B 169 5.15 -19.68 -6.58
C ILE B 169 6.09 -20.74 -6.01
N GLU B 170 6.29 -20.72 -4.69
CA GLU B 170 7.35 -21.54 -4.05
C GLU B 170 7.25 -23.02 -4.46
N THR B 171 6.06 -23.61 -4.42
CA THR B 171 5.86 -25.07 -4.64
C THR B 171 5.15 -25.33 -5.97
N ALA B 172 5.31 -24.45 -6.96
CA ALA B 172 4.65 -24.61 -8.28
C ALA B 172 4.94 -25.99 -8.87
N SER B 173 3.94 -26.64 -9.47
CA SER B 173 4.14 -27.84 -10.30
C SER B 173 3.27 -27.72 -11.56
N PHE B 174 3.69 -28.32 -12.65
CA PHE B 174 2.96 -28.21 -13.92
C PHE B 174 1.72 -29.11 -13.88
N ILE B 175 0.59 -28.58 -14.35
CA ILE B 175 -0.71 -29.30 -14.28
C ILE B 175 -0.84 -30.28 -15.44
N ASP B 176 -1.76 -31.23 -15.27
CA ASP B 176 -2.17 -32.17 -16.33
C ASP B 176 -3.22 -31.50 -17.23
N VAL B 177 -2.82 -30.94 -18.37
CA VAL B 177 -3.74 -30.17 -19.24
C VAL B 177 -4.68 -31.11 -20.00
N ASP B 178 -4.47 -32.43 -19.97
CA ASP B 178 -5.41 -33.40 -20.57
C ASP B 178 -6.66 -33.56 -19.69
N ASP B 179 -6.61 -33.08 -18.44
CA ASP B 179 -7.75 -33.16 -17.50
C ASP B 179 -8.63 -31.94 -17.73
N GLU B 180 -9.84 -32.14 -18.23
CA GLU B 180 -10.75 -31.02 -18.61
C GLU B 180 -11.41 -30.39 -17.37
N ARG B 181 -11.15 -30.90 -16.16
CA ARG B 181 -11.63 -30.23 -14.93
C ARG B 181 -10.78 -29.00 -14.61
N TRP B 182 -9.62 -28.84 -15.25
CA TRP B 182 -8.85 -27.58 -15.14
C TRP B 182 -9.58 -26.50 -15.94
N HIS B 183 -9.77 -25.34 -15.30
CA HIS B 183 -10.24 -24.10 -15.94
C HIS B 183 -9.12 -23.06 -15.91
N TYR B 184 -9.08 -22.19 -16.92
CA TYR B 184 -8.00 -21.22 -17.15
C TYR B 184 -8.63 -19.85 -17.34
N PHE B 185 -8.18 -18.88 -16.54
CA PHE B 185 -8.65 -17.47 -16.58
C PHE B 185 -7.43 -16.59 -16.86
N LEU B 186 -7.52 -15.81 -17.93
CA LEU B 186 -6.37 -15.05 -18.49
C LEU B 186 -6.65 -13.56 -18.43
N VAL B 187 -5.62 -12.77 -18.17
CA VAL B 187 -5.72 -11.30 -18.17
C VAL B 187 -4.81 -10.77 -19.27
N PHE B 188 -5.34 -9.86 -20.08
CA PHE B 188 -4.57 -9.16 -21.14
C PHE B 188 -4.75 -7.64 -21.01
N GLU B 189 -3.73 -6.93 -21.45
CA GLU B 189 -3.78 -5.45 -21.61
C GLU B 189 -3.76 -5.11 -23.09
N LYS B 190 -4.66 -4.22 -23.52
CA LYS B 190 -4.65 -3.70 -24.92
C LYS B 190 -3.58 -2.62 -25.01
N TYR B 191 -2.78 -2.62 -26.07
CA TYR B 191 -1.79 -1.54 -26.32
C TYR B 191 -1.70 -1.31 -27.82
N ASN B 192 -1.30 -0.08 -28.19
CA ASN B 192 -1.22 0.33 -29.62
C ASN B 192 0.22 0.14 -30.11
N LYS B 193 0.38 -0.41 -31.31
N LYS B 193 0.38 -0.45 -31.30
CA LYS B 193 1.70 -0.47 -31.99
CA LYS B 193 1.70 -0.55 -32.01
C LYS B 193 1.46 -0.48 -33.50
C LYS B 193 1.44 -0.48 -33.51
N ASP B 194 2.13 0.43 -34.21
CA ASP B 194 2.10 0.53 -35.69
C ASP B 194 0.65 0.69 -36.17
N GLY B 195 -0.16 1.45 -35.44
CA GLY B 195 -1.53 1.84 -35.79
C GLY B 195 -2.57 0.76 -35.54
N ALA B 196 -2.25 -0.31 -34.80
CA ALA B 196 -3.21 -1.41 -34.52
C ALA B 196 -3.22 -1.69 -33.02
N THR B 197 -4.25 -2.39 -32.54
CA THR B 197 -4.38 -2.83 -31.13
C THR B 197 -3.79 -4.23 -31.00
N LEU B 198 -2.84 -4.38 -30.08
CA LEU B 198 -2.22 -5.67 -29.71
C LEU B 198 -2.55 -5.99 -28.25
N PHE B 199 -2.23 -7.21 -27.84
CA PHE B 199 -2.64 -7.72 -26.52
C PHE B 199 -1.40 -8.22 -25.78
N ALA B 200 -1.21 -7.73 -24.56
CA ALA B 200 -0.10 -8.13 -23.66
C ALA B 200 -0.65 -9.06 -22.57
N THR B 201 0.04 -10.17 -22.33
CA THR B 201 -0.26 -11.08 -21.20
C THR B 201 0.05 -10.37 -19.87
N VAL B 202 -0.93 -10.32 -19.00
CA VAL B 202 -0.78 -9.68 -17.66
C VAL B 202 -0.66 -10.75 -16.57
N GLY B 203 -1.44 -11.81 -16.67
CA GLY B 203 -1.49 -12.81 -15.60
C GLY B 203 -2.53 -13.86 -15.86
N TYR B 204 -2.67 -14.80 -14.93
CA TYR B 204 -3.66 -15.88 -15.11
C TYR B 204 -3.89 -16.62 -13.81
N MET B 205 -4.91 -17.47 -13.85
CA MET B 205 -5.28 -18.33 -12.72
C MET B 205 -5.73 -19.68 -13.30
N THR B 206 -5.35 -20.76 -12.62
CA THR B 206 -5.88 -22.12 -12.92
C THR B 206 -6.71 -22.59 -11.73
N VAL B 207 -7.80 -23.26 -12.05
CA VAL B 207 -8.83 -23.64 -11.07
C VAL B 207 -9.25 -25.07 -11.40
N TYR B 208 -9.20 -25.98 -10.43
CA TYR B 208 -9.58 -27.39 -10.68
C TYR B 208 -11.00 -27.59 -10.17
N ASN B 209 -11.87 -28.14 -11.01
CA ASN B 209 -13.31 -28.28 -10.71
C ASN B 209 -13.59 -29.67 -10.16
N TYR B 210 -13.46 -29.86 -8.86
CA TYR B 210 -13.66 -31.18 -8.20
C TYR B 210 -15.15 -31.51 -8.16
N TYR B 211 -15.47 -32.76 -8.48
CA TYR B 211 -16.80 -33.33 -8.20
C TYR B 211 -17.06 -33.29 -6.70
N VAL B 212 -18.26 -32.89 -6.33
CA VAL B 212 -18.81 -32.97 -4.95
C VAL B 212 -20.16 -33.67 -5.03
N TYR B 213 -20.35 -34.66 -4.17
CA TYR B 213 -21.57 -35.49 -4.16
C TYR B 213 -22.78 -34.60 -3.91
N PRO B 214 -23.95 -34.83 -4.58
CA PRO B 214 -24.09 -35.78 -5.68
C PRO B 214 -23.88 -35.18 -7.09
N ASP B 215 -24.13 -33.89 -7.27
CA ASP B 215 -24.24 -33.25 -8.59
C ASP B 215 -23.58 -31.88 -8.56
N LYS B 216 -22.64 -31.67 -7.64
CA LYS B 216 -22.04 -30.35 -7.38
C LYS B 216 -20.58 -30.32 -7.81
N THR B 217 -20.01 -29.13 -7.82
CA THR B 217 -18.54 -28.98 -7.92
C THR B 217 -18.01 -27.99 -6.88
N ARG B 218 -16.76 -28.20 -6.49
N ARG B 218 -16.73 -28.10 -6.56
CA ARG B 218 -15.94 -27.25 -5.69
CA ARG B 218 -16.03 -27.15 -5.64
C ARG B 218 -14.77 -26.85 -6.58
C ARG B 218 -14.76 -26.72 -6.36
N PRO B 219 -14.84 -25.66 -7.20
CA PRO B 219 -13.65 -25.11 -7.88
C PRO B 219 -12.57 -24.78 -6.85
N ARG B 220 -11.35 -25.29 -7.07
CA ARG B 220 -10.21 -25.05 -6.16
C ARG B 220 -9.15 -24.25 -6.91
N VAL B 221 -8.95 -23.01 -6.48
CA VAL B 221 -7.89 -22.15 -7.07
C VAL B 221 -6.55 -22.80 -6.74
N SER B 222 -5.73 -23.06 -7.77
N SER B 222 -5.75 -23.12 -7.76
CA SER B 222 -4.47 -23.83 -7.68
CA SER B 222 -4.44 -23.79 -7.56
C SER B 222 -3.23 -22.98 -7.94
C SER B 222 -3.28 -22.82 -7.81
N GLN B 223 -3.27 -22.12 -8.95
CA GLN B 223 -2.13 -21.30 -9.36
C GLN B 223 -2.66 -19.94 -9.75
N MET B 224 -2.01 -18.88 -9.31
CA MET B 224 -2.44 -17.51 -9.65
C MET B 224 -1.18 -16.67 -9.74
N LEU B 225 -1.06 -15.92 -10.82
CA LEU B 225 0.13 -15.07 -11.05
C LEU B 225 -0.30 -13.84 -11.82
N ILE B 226 0.03 -12.69 -11.25
CA ILE B 226 0.09 -11.41 -11.97
C ILE B 226 1.56 -11.12 -12.18
N LEU B 227 1.99 -11.01 -13.43
CA LEU B 227 3.42 -10.89 -13.75
C LEU B 227 3.93 -9.59 -13.10
N THR B 228 5.17 -9.64 -12.61
CA THR B 228 5.80 -8.59 -11.76
C THR B 228 5.47 -7.19 -12.22
N PRO B 229 5.67 -6.81 -13.50
CA PRO B 229 5.46 -5.42 -13.89
C PRO B 229 4.05 -4.89 -13.65
N PHE B 230 3.06 -5.79 -13.50
CA PHE B 230 1.62 -5.44 -13.37
C PHE B 230 1.12 -5.59 -11.93
N GLN B 231 1.96 -6.05 -11.00
CA GLN B 231 1.55 -6.30 -9.59
C GLN B 231 1.23 -4.99 -8.88
N GLY B 232 0.37 -5.08 -7.88
CA GLY B 232 0.06 -3.97 -6.94
C GLY B 232 -0.75 -2.87 -7.62
N GLN B 233 -1.49 -3.20 -8.68
CA GLN B 233 -2.26 -2.24 -9.49
C GLN B 233 -3.74 -2.64 -9.55
N GLY B 234 -4.18 -3.64 -8.77
CA GLY B 234 -5.60 -4.03 -8.69
C GLY B 234 -5.97 -5.17 -9.61
N HIS B 235 -5.05 -5.70 -10.41
CA HIS B 235 -5.39 -6.75 -11.40
C HIS B 235 -5.72 -8.07 -10.70
N GLY B 236 -4.97 -8.42 -9.66
CA GLY B 236 -5.23 -9.66 -8.91
C GLY B 236 -6.64 -9.66 -8.33
N ALA B 237 -7.06 -8.54 -7.74
CA ALA B 237 -8.40 -8.40 -7.16
C ALA B 237 -9.45 -8.46 -8.26
N GLN B 238 -9.19 -7.85 -9.41
CA GLN B 238 -10.12 -7.91 -10.56
C GLN B 238 -10.28 -9.37 -10.97
N LEU B 239 -9.17 -10.09 -11.09
CA LEU B 239 -9.19 -11.49 -11.57
C LEU B 239 -9.94 -12.37 -10.57
N LEU B 240 -9.64 -12.30 -9.28
CA LEU B 240 -10.31 -13.21 -8.32
C LEU B 240 -11.80 -12.85 -8.23
N GLU B 241 -12.15 -11.57 -8.25
CA GLU B 241 -13.58 -11.16 -8.24
C GLU B 241 -14.29 -11.70 -9.48
N THR B 242 -13.65 -11.60 -10.65
CA THR B 242 -14.26 -12.04 -11.93
C THR B 242 -14.46 -13.57 -11.90
N VAL B 243 -13.54 -14.31 -11.30
CA VAL B 243 -13.65 -15.78 -11.19
C VAL B 243 -14.82 -16.12 -10.26
N HIS B 244 -14.93 -15.45 -9.11
CA HIS B 244 -16.10 -15.66 -8.20
C HIS B 244 -17.39 -15.36 -8.96
N ARG B 245 -17.44 -14.23 -9.67
N ARG B 245 -17.45 -14.26 -9.71
CA ARG B 245 -18.64 -13.80 -10.45
CA ARG B 245 -18.71 -13.87 -10.38
C ARG B 245 -18.98 -14.90 -11.45
C ARG B 245 -19.00 -14.84 -11.54
N TYR B 246 -17.97 -15.43 -12.13
CA TYR B 246 -18.13 -16.46 -13.18
C TYR B 246 -18.85 -17.67 -12.57
N TYR B 247 -18.33 -18.20 -11.47
CA TYR B 247 -18.85 -19.46 -10.89
C TYR B 247 -20.18 -19.20 -10.21
N THR B 248 -20.45 -17.96 -9.80
CA THR B 248 -21.70 -17.54 -9.12
C THR B 248 -22.92 -17.81 -10.03
N GLU B 249 -22.75 -17.84 -11.36
CA GLU B 249 -23.87 -18.08 -12.30
C GLU B 249 -24.28 -19.56 -12.32
N PHE B 250 -23.55 -20.46 -11.67
CA PHE B 250 -23.84 -21.92 -11.76
C PHE B 250 -24.42 -22.45 -10.46
N PRO B 251 -25.72 -22.81 -10.40
CA PRO B 251 -26.30 -23.40 -9.19
C PRO B 251 -25.58 -24.63 -8.63
N THR B 252 -24.92 -25.42 -9.48
CA THR B 252 -24.26 -26.68 -9.05
C THR B 252 -22.87 -26.41 -8.46
N VAL B 253 -22.32 -25.20 -8.57
CA VAL B 253 -21.09 -24.85 -7.81
C VAL B 253 -21.47 -24.62 -6.35
N LEU B 254 -20.80 -25.30 -5.43
CA LEU B 254 -21.05 -25.17 -3.97
C LEU B 254 -20.29 -23.94 -3.48
N ASP B 255 -18.97 -23.99 -3.50
CA ASP B 255 -18.14 -22.82 -3.12
C ASP B 255 -16.73 -23.06 -3.62
N ILE B 256 -15.90 -22.04 -3.49
CA ILE B 256 -14.53 -21.99 -4.06
C ILE B 256 -13.52 -22.13 -2.93
N THR B 257 -12.48 -22.94 -3.13
CA THR B 257 -11.39 -23.15 -2.17
C THR B 257 -10.06 -22.87 -2.86
N ALA B 258 -8.94 -23.22 -2.23
CA ALA B 258 -7.59 -23.03 -2.78
C ALA B 258 -6.70 -24.18 -2.34
N GLU B 259 -5.70 -24.47 -3.16
CA GLU B 259 -4.66 -25.48 -2.86
C GLU B 259 -3.58 -24.78 -2.04
N ASP B 260 -3.41 -25.18 -0.78
N ASP B 260 -3.44 -25.15 -0.77
CA ASP B 260 -2.26 -24.74 0.08
CA ASP B 260 -2.29 -24.74 0.08
C ASP B 260 -2.00 -23.25 -0.13
C ASP B 260 -2.00 -23.26 -0.12
N PRO B 261 -2.97 -22.36 0.17
CA PRO B 261 -2.82 -20.94 -0.14
C PRO B 261 -1.69 -20.23 0.61
N SER B 262 -0.93 -19.44 -0.14
CA SER B 262 0.16 -18.54 0.34
C SER B 262 -0.41 -17.37 1.16
N LYS B 263 0.43 -16.73 1.97
CA LYS B 263 0.04 -15.51 2.71
C LYS B 263 -0.45 -14.41 1.76
N SER B 264 0.19 -14.23 0.60
CA SER B 264 -0.17 -13.15 -0.35
C SER B 264 -1.57 -13.44 -0.91
N TYR B 265 -1.88 -14.71 -1.20
CA TYR B 265 -3.21 -15.07 -1.73
C TYR B 265 -4.28 -14.89 -0.65
N VAL B 266 -4.00 -15.31 0.57
CA VAL B 266 -4.98 -15.17 1.70
C VAL B 266 -5.33 -13.69 1.87
N LYS B 267 -4.34 -12.80 1.80
CA LYS B 267 -4.53 -11.35 1.96
C LYS B 267 -5.44 -10.85 0.83
N LEU B 268 -5.18 -11.26 -0.41
CA LEU B 268 -5.97 -10.83 -1.57
C LEU B 268 -7.39 -11.36 -1.42
N ARG B 269 -7.53 -12.65 -1.10
CA ARG B 269 -8.85 -13.28 -0.96
C ARG B 269 -9.65 -12.57 0.14
N ASP B 270 -9.03 -12.27 1.28
CA ASP B 270 -9.75 -11.56 2.37
C ASP B 270 -10.26 -10.23 1.83
N PHE B 271 -9.41 -9.47 1.11
CA PHE B 271 -9.81 -8.17 0.54
C PHE B 271 -11.02 -8.34 -0.39
N VAL B 272 -10.96 -9.29 -1.33
CA VAL B 272 -12.02 -9.45 -2.36
C VAL B 272 -13.32 -9.89 -1.67
N LEU B 273 -13.25 -10.86 -0.78
CA LEU B 273 -14.48 -11.47 -0.22
C LEU B 273 -15.12 -10.51 0.78
N VAL B 274 -14.33 -9.75 1.53
CA VAL B 274 -14.88 -8.67 2.41
C VAL B 274 -15.63 -7.67 1.52
N LYS B 275 -15.03 -7.28 0.39
CA LYS B 275 -15.66 -6.29 -0.53
C LYS B 275 -16.98 -6.85 -1.09
N LEU B 276 -17.06 -8.14 -1.41
CA LEU B 276 -18.31 -8.77 -1.91
C LEU B 276 -19.39 -8.77 -0.82
N CYS B 277 -19.03 -9.04 0.43
CA CYS B 277 -19.98 -9.36 1.54
C CYS B 277 -20.36 -8.12 2.37
N GLN B 278 -19.62 -7.03 2.30
CA GLN B 278 -19.70 -5.95 3.33
C GLN B 278 -21.10 -5.32 3.39
N ASP B 279 -21.86 -5.31 2.29
CA ASP B 279 -23.20 -4.66 2.22
C ASP B 279 -24.33 -5.68 2.30
N LEU B 280 -24.04 -6.96 2.61
CA LEU B 280 -25.07 -8.01 2.79
C LEU B 280 -25.73 -7.82 4.16
N PRO B 281 -27.08 -7.83 4.24
CA PRO B 281 -27.78 -7.69 5.52
C PRO B 281 -27.28 -8.61 6.65
N CYS B 282 -26.83 -9.83 6.34
CA CYS B 282 -26.38 -10.79 7.37
C CYS B 282 -25.06 -10.31 8.01
N PHE B 283 -24.37 -9.32 7.43
CA PHE B 283 -23.08 -8.81 7.94
C PHE B 283 -23.23 -7.38 8.48
N SER B 284 -24.47 -6.92 8.73
CA SER B 284 -24.78 -5.61 9.37
C SER B 284 -24.07 -5.51 10.72
N ARG B 285 -23.79 -4.28 11.18
CA ARG B 285 -23.20 -3.99 12.51
C ARG B 285 -23.95 -4.79 13.59
N GLU B 286 -25.28 -4.67 13.64
CA GLU B 286 -26.16 -5.38 14.61
C GLU B 286 -25.76 -6.87 14.65
N LYS B 287 -25.71 -7.51 13.48
CA LYS B 287 -25.45 -8.98 13.36
C LYS B 287 -24.01 -9.27 13.79
N LEU B 288 -23.04 -8.47 13.34
CA LEU B 288 -21.60 -8.70 13.67
C LEU B 288 -21.42 -8.73 15.19
N MET B 289 -22.11 -7.85 15.92
CA MET B 289 -22.07 -7.77 17.42
C MET B 289 -22.45 -9.11 18.06
N GLN B 290 -23.44 -9.80 17.49
CA GLN B 290 -24.03 -11.02 18.08
C GLN B 290 -23.15 -12.25 17.80
N GLY B 291 -21.99 -12.07 17.17
CA GLY B 291 -21.02 -13.15 16.90
C GLY B 291 -21.31 -13.82 15.57
N PHE B 292 -20.44 -14.73 15.14
CA PHE B 292 -20.61 -15.49 13.88
C PHE B 292 -21.85 -16.38 13.99
N ASN B 293 -22.70 -16.40 12.95
CA ASN B 293 -23.91 -17.24 12.88
C ASN B 293 -24.03 -17.83 11.46
N GLU B 294 -24.79 -18.92 11.33
CA GLU B 294 -24.82 -19.77 10.12
C GLU B 294 -25.44 -19.00 8.95
N ASP B 295 -26.30 -18.02 9.21
CA ASP B 295 -26.93 -17.20 8.13
C ASP B 295 -25.84 -16.48 7.33
N MET B 296 -24.72 -16.12 7.97
CA MET B 296 -23.57 -15.43 7.32
C MET B 296 -22.93 -16.41 6.32
N ALA B 297 -22.64 -17.64 6.78
CA ALA B 297 -22.04 -18.70 5.92
C ALA B 297 -23.01 -19.04 4.77
N ILE B 298 -24.32 -19.10 5.03
CA ILE B 298 -25.33 -19.52 4.03
C ILE B 298 -25.48 -18.44 2.94
N GLU B 299 -25.60 -17.17 3.31
CA GLU B 299 -25.74 -16.06 2.34
C GLU B 299 -24.45 -15.94 1.52
N ALA B 300 -23.28 -16.05 2.15
CA ALA B 300 -21.98 -15.86 1.46
C ALA B 300 -21.82 -16.98 0.42
N GLN B 301 -22.18 -18.21 0.79
CA GLN B 301 -22.09 -19.39 -0.10
C GLN B 301 -23.07 -19.22 -1.25
N GLN B 302 -24.33 -18.87 -0.94
CA GLN B 302 -25.41 -18.78 -1.95
C GLN B 302 -25.13 -17.64 -2.91
N LYS B 303 -24.66 -16.49 -2.40
CA LYS B 303 -24.59 -15.26 -3.23
C LYS B 303 -23.28 -15.23 -4.02
N PHE B 304 -22.16 -15.68 -3.44
CA PHE B 304 -20.82 -15.46 -4.04
C PHE B 304 -19.97 -16.73 -4.08
N LYS B 305 -20.52 -17.91 -3.77
CA LYS B 305 -19.75 -19.19 -3.77
C LYS B 305 -18.58 -19.09 -2.79
N ILE B 306 -18.80 -18.46 -1.65
CA ILE B 306 -17.77 -18.33 -0.58
C ILE B 306 -17.88 -19.52 0.38
N ASN B 307 -16.74 -20.18 0.61
CA ASN B 307 -16.58 -21.32 1.53
C ASN B 307 -16.84 -20.84 2.98
N LYS B 308 -17.42 -21.71 3.80
CA LYS B 308 -17.77 -21.37 5.21
C LYS B 308 -16.55 -20.82 5.97
N GLN B 309 -15.36 -21.41 5.81
CA GLN B 309 -14.13 -21.01 6.55
C GLN B 309 -13.79 -19.56 6.15
N HIS B 310 -14.04 -19.20 4.90
CA HIS B 310 -13.74 -17.83 4.41
C HIS B 310 -14.79 -16.84 4.91
N ALA B 311 -16.05 -17.25 5.00
CA ALA B 311 -17.15 -16.43 5.52
C ALA B 311 -16.83 -16.10 6.98
N ARG B 312 -16.27 -17.04 7.74
CA ARG B 312 -15.87 -16.81 9.16
C ARG B 312 -14.79 -15.72 9.20
N ARG B 313 -13.82 -15.77 8.29
CA ARG B 313 -12.74 -14.74 8.21
C ARG B 313 -13.39 -13.39 7.87
N VAL B 314 -14.32 -13.35 6.92
CA VAL B 314 -15.03 -12.10 6.55
C VAL B 314 -15.71 -11.52 7.80
N TYR B 315 -16.39 -12.37 8.55
CA TYR B 315 -17.03 -11.95 9.83
C TYR B 315 -15.97 -11.34 10.75
N GLU B 316 -14.83 -11.99 10.99
CA GLU B 316 -13.81 -11.48 11.96
C GLU B 316 -13.29 -10.12 11.49
N ILE B 317 -13.06 -9.95 10.18
CA ILE B 317 -12.49 -8.69 9.63
C ILE B 317 -13.53 -7.57 9.76
N LEU B 318 -14.78 -7.84 9.41
CA LEU B 318 -15.82 -6.79 9.48
C LEU B 318 -16.09 -6.47 10.96
N ARG B 319 -16.00 -7.46 11.86
CA ARG B 319 -16.23 -7.25 13.32
C ARG B 319 -15.15 -6.28 13.84
N LEU B 320 -13.91 -6.44 13.40
CA LEU B 320 -12.80 -5.53 13.83
C LEU B 320 -13.11 -4.11 13.35
N LEU B 321 -13.84 -3.94 12.25
CA LEU B 321 -14.07 -2.62 11.61
C LEU B 321 -15.18 -1.85 12.32
N VAL B 322 -16.04 -2.48 13.12
CA VAL B 322 -17.25 -1.79 13.66
C VAL B 322 -16.85 -1.07 14.95
N THR B 323 -16.93 0.28 14.90
CA THR B 323 -16.33 1.25 15.86
C THR B 323 -17.44 2.07 16.52
N LYS C 5 -13.13 25.20 22.31
CA LYS C 5 -12.35 24.68 23.47
C LYS C 5 -12.88 23.29 23.87
N GLY C 6 -11.96 22.39 24.26
CA GLY C 6 -12.28 21.14 24.97
C GLY C 6 -12.04 21.30 26.46
N GLY C 7 -12.55 20.38 27.27
CA GLY C 7 -12.29 20.33 28.72
C GLY C 7 -10.83 20.02 29.02
N LYS C 8 -10.50 19.89 30.30
CA LYS C 8 -9.13 19.53 30.76
C LYS C 8 -8.66 18.26 30.03
N GLY C 9 -7.49 18.32 29.40
CA GLY C 9 -6.88 17.13 28.78
C GLY C 9 -7.49 16.75 27.45
N LEU C 10 -8.33 17.60 26.83
CA LEU C 10 -9.05 17.23 25.59
C LEU C 10 -8.59 18.10 24.42
N GLY C 11 -8.36 17.45 23.28
CA GLY C 11 -7.93 18.11 22.02
C GLY C 11 -8.86 17.76 20.87
N ALA C 12 -10.01 17.14 21.14
CA ALA C 12 -11.01 16.83 20.09
C ALA C 12 -12.40 17.25 20.54
N GLY C 13 -12.52 18.46 21.07
CA GLY C 13 -13.78 18.96 21.63
C GLY C 13 -14.61 19.76 20.64
N GLY C 14 -14.28 19.73 19.35
CA GLY C 14 -14.94 20.53 18.30
C GLY C 14 -16.21 19.87 17.80
N ALA C 15 -16.94 20.57 16.93
CA ALA C 15 -18.23 20.12 16.36
C ALA C 15 -17.98 19.09 15.26
N LYS C 16 -18.78 18.03 15.23
CA LYS C 16 -18.86 17.12 14.07
C LYS C 16 -19.49 17.89 12.90
N ARG C 17 -19.15 17.49 11.69
CA ARG C 17 -19.74 18.00 10.43
C ARG C 17 -21.00 17.18 10.14
N HIS C 18 -22.08 17.87 9.79
CA HIS C 18 -23.40 17.29 9.44
C HIS C 18 -23.78 17.78 8.03
N ARG C 19 -23.44 17.01 6.99
CA ARG C 19 -23.93 17.22 5.59
C ARG C 19 -25.31 16.57 5.44
N GLY D 6 0.93 -34.11 -14.46
CA GLY D 6 0.68 -33.68 -13.04
C GLY D 6 -0.29 -34.60 -12.30
N GLY D 7 -0.14 -34.70 -10.97
CA GLY D 7 -1.06 -35.42 -10.06
C GLY D 7 -2.42 -34.74 -10.01
N LYS D 8 -3.48 -35.47 -9.61
CA LYS D 8 -4.91 -35.13 -9.89
C LYS D 8 -5.34 -33.84 -9.19
N GLY D 9 -5.61 -32.78 -9.95
CA GLY D 9 -6.01 -31.48 -9.39
C GLY D 9 -4.87 -30.76 -8.68
N LEU D 10 -3.62 -31.20 -8.85
CA LEU D 10 -2.45 -30.57 -8.16
C LEU D 10 -1.76 -29.58 -9.10
N GLY D 11 -1.58 -28.35 -8.62
CA GLY D 11 -0.74 -27.33 -9.30
C GLY D 11 0.34 -26.77 -8.39
N ALA D 12 0.47 -27.29 -7.16
CA ALA D 12 1.44 -26.79 -6.16
C ALA D 12 2.09 -27.98 -5.45
N GLY D 13 2.47 -29.00 -6.21
CA GLY D 13 3.06 -30.24 -5.71
C GLY D 13 4.57 -30.21 -5.62
N GLY D 14 5.20 -29.04 -5.85
CA GLY D 14 6.67 -28.91 -5.90
C GLY D 14 7.30 -28.89 -4.51
N ALA D 15 8.62 -28.84 -4.45
CA ALA D 15 9.40 -28.80 -3.19
C ALA D 15 9.37 -27.40 -2.58
N LYS D 16 9.19 -27.30 -1.26
CA LYS D 16 9.43 -26.07 -0.48
C LYS D 16 10.92 -25.72 -0.53
N ARG D 17 11.25 -24.43 -0.34
CA ARG D 17 12.65 -23.95 -0.28
C ARG D 17 13.08 -23.99 1.19
N HIS D 18 14.24 -24.59 1.45
CA HIS D 18 14.83 -24.78 2.81
C HIS D 18 16.21 -24.11 2.87
N ARG D 19 16.26 -22.81 3.21
CA ARG D 19 17.53 -22.04 3.31
C ARG D 19 18.25 -22.41 4.62
C ACT E . 8.06 17.39 -0.58
O ACT E . 9.16 17.95 -0.56
OXT ACT E . 7.18 17.56 0.27
CH3 ACT E . 7.77 16.40 -1.72
N1A CO6 F . 5.48 -1.68 5.88
C2A CO6 F . 4.28 -2.00 5.36
N3A CO6 F . 3.13 -1.33 5.42
C4A CO6 F . 3.27 -0.18 6.13
C5A CO6 F . 4.43 0.28 6.72
C6A CO6 F . 5.59 -0.51 6.58
N6A CO6 F . 6.77 -0.20 7.11
N7A CO6 F . 4.19 1.48 7.37
C8A CO6 F . 2.91 1.72 7.16
N9A CO6 F . 2.30 0.74 6.42
C1B CO6 F . 0.87 0.66 6.00
C2B CO6 F . -0.13 0.31 7.10
O2B CO6 F . -1.23 -0.41 6.59
C3B CO6 F . -0.56 1.69 7.60
O3B CO6 F . -1.82 1.66 8.28
P3B CO6 F . -3.01 2.78 7.99
O7A CO6 F . -3.62 2.64 6.61
O8A CO6 F . -4.02 2.43 9.05
O9A CO6 F . -2.46 4.18 8.22
C4B CO6 F . -0.60 2.46 6.28
O4B CO6 F . 0.50 1.92 5.51
C5B CO6 F . -0.39 3.95 6.41
O5B CO6 F . 0.56 4.17 7.46
P1A CO6 F . 1.43 5.52 7.43
O1A CO6 F . 2.46 5.43 8.47
O2A CO6 F . 1.88 5.78 6.02
O3A CO6 F . 0.24 6.55 7.76
P2A CO6 F . 0.29 8.15 7.69
O4A CO6 F . 1.69 8.62 7.79
O5A CO6 F . -0.51 8.58 6.51
O6A CO6 F . -0.46 8.54 9.05
CBP CO6 F . -2.60 9.44 9.70
CCP CO6 F . -1.86 8.19 9.22
CDP CO6 F . -4.06 9.03 9.91
CEP CO6 F . -1.99 9.93 11.02
CAP CO6 F . -2.48 10.53 8.63
OAP CO6 F . -2.96 10.07 7.37
C9P CO6 F . -3.20 11.81 9.00
O9P CO6 F . -2.62 12.68 9.65
N8P CO6 F . -4.46 11.94 8.61
C7P CO6 F . -5.22 13.15 8.83
C6P CO6 F . -5.47 13.43 10.32
C5P CO6 F . -6.06 12.26 11.06
O5P CO6 F . -7.00 11.62 10.60
N4P CO6 F . -5.46 11.91 12.21
C3P CO6 F . -5.93 10.85 13.09
C2P CO6 F . -7.03 11.35 14.00
S1P CO6 F . -6.39 12.34 15.37
O1 CO6 F . -4.77 10.96 16.89
C1 CO6 F . -5.91 11.18 16.60
C2 CO6 F . -6.35 9.63 18.43
C3 CO6 F . -6.99 10.47 17.35
C4 CO6 F . -7.81 9.61 16.42
C1 GOL G . -8.24 24.17 34.86
O1 GOL G . -9.65 23.99 34.96
C2 GOL G . -7.56 22.96 34.26
O2 GOL G . -8.16 22.68 33.00
C3 GOL G . -6.07 23.14 34.09
O3 GOL G . -5.43 21.94 33.67
S SO4 H . -9.00 3.97 22.69
O1 SO4 H . -8.56 4.60 21.48
O2 SO4 H . -7.97 4.02 23.64
O3 SO4 H . -10.17 4.67 23.20
O4 SO4 H . -9.36 2.59 22.41
UNK UNX I . 2.22 3.83 4.23
UNK UNX J . 8.07 11.96 30.36
UNK UNX K . 11.86 28.66 16.02
UNK UNX L . 9.30 13.67 1.93
UNK UNX M . -12.93 30.04 15.65
UNK UNX N . 20.12 24.36 -3.10
UNK UNX O . 10.09 17.55 26.41
UNK UNX P . -10.59 19.67 -0.58
UNK UNX Q . 5.08 24.11 30.49
N1A CO6 R . -9.69 -0.78 -4.04
C2A CO6 R . -8.87 -0.69 -2.98
N3A CO6 R . -7.80 -1.43 -2.68
C4A CO6 R . -7.60 -2.39 -3.61
C5A CO6 R . -8.35 -2.60 -4.74
C6A CO6 R . -9.45 -1.75 -4.96
N6A CO6 R . -10.28 -1.86 -6.00
N7A CO6 R . -7.84 -3.67 -5.46
C8A CO6 R . -6.81 -4.09 -4.75
N9A CO6 R . -6.62 -3.33 -3.61
C1B CO6 R . -5.59 -3.51 -2.56
C2B CO6 R . -5.92 -4.63 -1.57
O2B CO6 R . -5.41 -4.34 -0.29
C3B CO6 R . -5.19 -5.83 -2.20
O3B CO6 R . -4.99 -6.89 -1.27
P3B CO6 R . -3.61 -7.76 -1.34
O7A CO6 R . -3.49 -8.29 -2.77
O8A CO6 R . -3.81 -8.89 -0.37
O9A CO6 R . -2.41 -6.91 -0.95
C4B CO6 R . -3.91 -5.14 -2.67
O4B CO6 R . -4.37 -3.85 -3.15
C5B CO6 R . -3.20 -5.83 -3.81
O5B CO6 R . -4.19 -6.33 -4.71
P1A CO6 R . -3.83 -6.39 -6.28
O1A CO6 R . -5.11 -6.61 -6.99
O2A CO6 R . -3.00 -5.21 -6.65
O3A CO6 R . -2.90 -7.68 -6.26
P2A CO6 R . -1.87 -8.22 -7.36
O4A CO6 R . -2.31 -7.83 -8.73
O5A CO6 R . -0.48 -7.83 -6.96
O6A CO6 R . -2.03 -9.80 -7.19
CBP CO6 R . -0.83 -11.69 -6.35
CCP CO6 R . -1.67 -10.47 -5.98
CDP CO6 R . -0.49 -12.43 -5.06
CEP CO6 R . -1.68 -12.62 -7.23
CAP CO6 R . 0.44 -11.27 -7.09
OAP CO6 R . 1.17 -10.33 -6.29
C9P CO6 R . 1.33 -12.41 -7.51
O9P CO6 R . 1.15 -12.96 -8.60
N8P CO6 R . 2.29 -12.81 -6.69
C7P CO6 R . 3.23 -13.87 -6.99
C6P CO6 R . 2.58 -15.23 -7.14
C5P CO6 R . 1.73 -15.61 -5.94
O5P CO6 R . 2.14 -15.39 -4.79
N4P CO6 R . 0.51 -16.10 -6.18
C3P CO6 R . -0.41 -16.52 -5.14
C2P CO6 R . -0.18 -17.95 -4.73
S1P CO6 R . -0.77 -19.20 -5.92
S1P CO6 R . -0.66 -19.12 -6.04
O1 CO6 R . -3.36 -18.98 -5.98
O1 CO6 R . -3.25 -19.52 -6.16
C1 CO6 R . -2.42 -19.40 -5.37
C1 CO6 R . -2.24 -19.68 -5.52
C2 CO6 R . -1.24 -20.68 -3.50
C2 CO6 R . -2.61 -21.84 -4.31
C3 CO6 R . -2.58 -20.19 -4.06
C3 CO6 R . -2.18 -20.39 -4.19
C4 CO6 R . -3.52 -21.36 -4.28
C4 CO6 R . -3.04 -19.63 -3.22
C1 GOL S . -18.43 -6.93 -18.88
O1 GOL S . -17.17 -6.29 -18.83
C2 GOL S . -19.13 -6.86 -17.54
O2 GOL S . -19.12 -5.50 -17.08
C3 GOL S . -18.50 -7.75 -16.50
O3 GOL S . -19.44 -8.72 -16.01
C1 GOL T . -15.24 -20.90 -22.12
O1 GOL T . -15.83 -21.76 -21.14
C2 GOL T . -14.13 -21.59 -22.88
O2 GOL T . -13.19 -22.09 -21.93
C3 GOL T . -13.41 -20.70 -23.88
O3 GOL T . -14.22 -20.33 -24.99
S SO4 U . -8.69 -22.88 1.40
O1 SO4 U . -7.91 -21.93 0.68
O2 SO4 U . -9.90 -23.18 0.70
O3 SO4 U . -9.02 -22.34 2.70
O4 SO4 U . -7.92 -24.10 1.58
UNK UNX V . 30.33 -12.26 -11.77
UNK UNX W . -12.58 -24.49 -30.18
UNK UNX X . 3.09 -11.43 -3.99
UNK UNX Y . 28.47 -15.02 -23.54
UNK UNX Z . -11.23 -33.88 -25.04
UNK UNX AA . -13.90 -30.98 -2.66
UNK UNX BA . 1.88 -14.09 -33.83
#